data_8PLK
#
_entry.id   8PLK
#
_cell.length_a   62.159
_cell.length_b   103.298
_cell.length_c   133.332
_cell.angle_alpha   90.000
_cell.angle_beta   92.220
_cell.angle_gamma   90.000
#
_symmetry.space_group_name_H-M   'P 1 21 1'
#
loop_
_entity.id
_entity.type
_entity.pdbx_description
1 polymer 'Thioredoxin glutathione reductase'
2 non-polymer 'FLAVIN-ADENINE DINUCLEOTIDE'
3 non-polymer 1-methyl-N-[(thiophen-2-yl)methyl]-1H-pyrazole-5-carboxamide
4 water water
#
_entity_poly.entity_id   1
_entity_poly.type   'polypeptide(L)'
_entity_poly.pdbx_seq_one_letter_code
;GPPPADGTSQWLRKTVDSAAVILFSKTTCPYCKKVKDVLAEAKIKHATIELDQLSNGSAIQKCLASFSKIETVPQMFVRG
KFIGDSQTVLKYYSNDELAGIVNESKYDYDLIVIGGGSGGLAAGKEAAKYGAKTAVLDYVEPTPIGTTWGLGGTCVNVGC
IPKKLMHQAGLLSHALEDAEHFGWSLDRSKISHNWSTMVEGVQSHIGSLNWGYKVALRDNQVTYLNAKGRLISPHEVQIT
DKNQKVSTITGNKIILATGERPKYPEIPGAVEYGITSDDLFSLPYFPGKTLVIGASYVALECAGFLASLGGDVTVMVRSI
LLRGFDQQMAEKVGDYMENHGVKFAKLCVPDEIKQLKVVDTENNKPGLLLVKGHYTDGKKFEEEFETVIFAVGREPQLSK
VLCETVGVKLDKNGRVVCTDDEQTTVSNVYAIGDINAGKPQLTPVAIQAGRYLARRLFAGATELTDYSNVATTVFTPLEY
GACGLSEEDAIEKYGDKDIEVYHSNFKPLEWTVAHREDNVCYMKLVCRKSDNMRVLGLHVLGPNAGEITQGYAVAIKMGA
TKADFDRTIGIHPTCSETFTTLHVTKKSGVSPIVSGC
;
_entity_poly.pdbx_strand_id   A,B
#
# COMPACT_ATOMS: atom_id res chain seq x y z
N GLY A 7 23.68 -14.48 -6.98
CA GLY A 7 24.00 -15.05 -8.27
C GLY A 7 22.78 -15.15 -9.17
N THR A 8 22.21 -16.35 -9.26
CA THR A 8 20.96 -16.52 -9.99
C THR A 8 19.84 -15.73 -9.31
N SER A 9 19.84 -15.70 -7.97
CA SER A 9 18.78 -15.00 -7.25
C SER A 9 18.86 -13.49 -7.46
N GLN A 10 20.05 -12.92 -7.62
CA GLN A 10 20.13 -11.48 -7.88
C GLN A 10 19.68 -11.13 -9.30
N TRP A 11 19.96 -12.00 -10.28
CA TRP A 11 19.47 -11.79 -11.63
C TRP A 11 17.95 -11.84 -11.68
N LEU A 12 17.35 -12.86 -11.06
CA LEU A 12 15.91 -13.01 -11.15
C LEU A 12 15.18 -11.87 -10.46
N ARG A 13 15.73 -11.38 -9.35
CA ARG A 13 15.12 -10.25 -8.66
C ARG A 13 15.18 -8.98 -9.53
N LYS A 14 16.28 -8.78 -10.25
CA LYS A 14 16.38 -7.61 -11.10
C LYS A 14 15.45 -7.73 -12.32
N THR A 15 15.29 -8.96 -12.84
CA THR A 15 14.43 -9.18 -13.98
C THR A 15 12.95 -8.95 -13.64
N VAL A 16 12.51 -9.47 -12.50
CA VAL A 16 11.10 -9.34 -12.10
C VAL A 16 10.76 -7.89 -11.78
N ASP A 17 11.67 -7.18 -11.10
CA ASP A 17 11.38 -5.80 -10.68
C ASP A 17 11.21 -4.84 -11.86
N SER A 18 11.94 -5.04 -12.96
CA SER A 18 11.93 -4.03 -14.00
C SER A 18 11.18 -4.45 -15.26
N ALA A 19 10.90 -5.73 -15.46
CA ALA A 19 10.08 -6.15 -16.60
C ALA A 19 8.67 -5.55 -16.51
N ALA A 20 8.14 -5.12 -17.66
CA ALA A 20 6.77 -4.60 -17.69
C ALA A 20 5.74 -5.71 -17.60
N VAL A 21 5.84 -6.70 -18.49
CA VAL A 21 4.99 -7.89 -18.49
C VAL A 21 5.87 -9.06 -18.92
N ILE A 22 5.96 -10.12 -18.09
CA ILE A 22 6.87 -11.22 -18.38
C ILE A 22 6.24 -12.54 -17.96
N LEU A 23 6.48 -13.58 -18.77
CA LEU A 23 5.92 -14.91 -18.56
C LEU A 23 7.08 -15.88 -18.43
N PHE A 24 7.12 -16.60 -17.31
CA PHE A 24 8.08 -17.68 -17.12
C PHE A 24 7.42 -18.98 -17.57
N SER A 25 8.11 -19.73 -18.43
CA SER A 25 7.44 -20.70 -19.29
C SER A 25 8.34 -21.91 -19.50
N LYS A 26 7.80 -22.90 -20.22
CA LYS A 26 8.54 -24.07 -20.68
C LYS A 26 7.99 -24.47 -22.04
N THR A 27 8.88 -24.81 -22.98
CA THR A 27 8.47 -25.04 -24.36
C THR A 27 7.52 -26.21 -24.51
N THR A 28 7.51 -27.14 -23.56
CA THR A 28 6.75 -28.38 -23.65
C THR A 28 5.46 -28.36 -22.84
N CYS A 29 5.09 -27.22 -22.26
CA CYS A 29 3.96 -27.17 -21.34
C CYS A 29 2.71 -26.70 -22.04
N PRO A 30 1.67 -27.53 -22.14
CA PRO A 30 0.42 -27.08 -22.78
C PRO A 30 -0.29 -26.00 -21.99
N TYR A 31 -0.08 -25.95 -20.67
CA TYR A 31 -0.64 -24.87 -19.87
C TYR A 31 0.02 -23.53 -20.23
N CYS A 32 1.31 -23.54 -20.52
CA CYS A 32 1.98 -22.32 -20.95
C CYS A 32 1.49 -21.86 -22.32
N LYS A 33 1.31 -22.79 -23.28
CA LYS A 33 0.75 -22.42 -24.57
C LYS A 33 -0.63 -21.79 -24.42
N LYS A 34 -1.46 -22.32 -23.52
CA LYS A 34 -2.79 -21.74 -23.36
C LYS A 34 -2.70 -20.30 -22.87
N VAL A 35 -1.77 -20.02 -21.94
CA VAL A 35 -1.61 -18.65 -21.48
C VAL A 35 -1.08 -17.76 -22.60
N LYS A 36 -0.08 -18.25 -23.36
CA LYS A 36 0.46 -17.49 -24.48
C LYS A 36 -0.65 -17.16 -25.49
N ASP A 37 -1.51 -18.13 -25.77
CA ASP A 37 -2.59 -17.93 -26.73
C ASP A 37 -3.55 -16.83 -26.26
N VAL A 38 -3.93 -16.86 -24.98
CA VAL A 38 -4.83 -15.83 -24.45
C VAL A 38 -4.19 -14.45 -24.53
N LEU A 39 -2.90 -14.36 -24.22
CA LEU A 39 -2.24 -13.06 -24.24
C LEU A 39 -2.22 -12.46 -25.65
N ALA A 40 -2.03 -13.30 -26.68
CA ALA A 40 -2.03 -12.79 -28.04
C ALA A 40 -3.43 -12.35 -28.49
N GLU A 41 -4.46 -13.09 -28.11
CA GLU A 41 -5.82 -12.69 -28.42
C GLU A 41 -6.12 -11.31 -27.86
N ALA A 42 -5.74 -11.07 -26.61
CA ALA A 42 -5.96 -9.79 -25.95
C ALA A 42 -5.01 -8.71 -26.45
N LYS A 43 -4.09 -9.06 -27.35
CA LYS A 43 -3.08 -8.13 -27.86
C LYS A 43 -2.21 -7.58 -26.74
N ILE A 44 -1.82 -8.47 -25.83
CA ILE A 44 -0.94 -8.12 -24.71
C ILE A 44 0.47 -8.58 -25.06
N LYS A 45 1.37 -7.63 -25.30
CA LYS A 45 2.77 -7.92 -25.58
C LYS A 45 3.54 -8.16 -24.28
N HIS A 46 4.54 -9.07 -24.35
CA HIS A 46 5.25 -9.51 -23.16
C HIS A 46 6.55 -10.20 -23.54
N ALA A 47 7.49 -10.20 -22.58
CA ALA A 47 8.67 -11.05 -22.69
C ALA A 47 8.34 -12.47 -22.24
N THR A 48 9.18 -13.42 -22.67
CA THR A 48 9.05 -14.83 -22.30
C THR A 48 10.42 -15.39 -22.00
N ILE A 49 10.53 -16.11 -20.89
CA ILE A 49 11.74 -16.84 -20.53
C ILE A 49 11.41 -18.32 -20.44
N GLU A 50 12.02 -19.12 -21.32
CA GLU A 50 11.76 -20.56 -21.40
C GLU A 50 12.77 -21.28 -20.52
N LEU A 51 12.34 -21.72 -19.34
CA LEU A 51 13.27 -22.26 -18.35
C LEU A 51 13.94 -23.56 -18.79
N ASP A 52 13.35 -24.29 -19.75
CA ASP A 52 14.03 -25.47 -20.27
C ASP A 52 15.08 -25.14 -21.32
N GLN A 53 15.32 -23.85 -21.59
CA GLN A 53 16.42 -23.42 -22.47
C GLN A 53 17.61 -22.88 -21.71
N LEU A 54 17.53 -22.77 -20.38
CA LEU A 54 18.61 -22.23 -19.57
C LEU A 54 19.24 -23.35 -18.75
N SER A 55 20.57 -23.33 -18.65
CA SER A 55 21.29 -24.40 -17.99
C SER A 55 20.93 -24.50 -16.51
N ASN A 56 20.63 -23.38 -15.86
CA ASN A 56 20.20 -23.40 -14.47
C ASN A 56 18.72 -23.06 -14.33
N GLY A 57 17.91 -23.44 -15.31
CA GLY A 57 16.48 -23.21 -15.22
C GLY A 57 15.85 -23.91 -14.03
N SER A 58 16.43 -25.03 -13.61
CA SER A 58 15.95 -25.72 -12.41
C SER A 58 16.08 -24.84 -11.18
N ALA A 59 17.23 -24.20 -11.02
CA ALA A 59 17.44 -23.30 -9.88
C ALA A 59 16.53 -22.07 -9.96
N ILE A 60 16.41 -21.49 -11.16
CA ILE A 60 15.57 -20.29 -11.31
C ILE A 60 14.14 -20.59 -10.90
N GLN A 61 13.61 -21.74 -11.33
CA GLN A 61 12.22 -22.05 -11.07
C GLN A 61 11.95 -22.22 -9.57
N LYS A 62 12.94 -22.70 -8.81
CA LYS A 62 12.80 -22.73 -7.36
C LYS A 62 12.88 -21.33 -6.77
N CYS A 63 13.72 -20.47 -7.33
CA CYS A 63 13.84 -19.10 -6.83
C CYS A 63 12.57 -18.29 -7.07
N LEU A 64 11.78 -18.64 -8.11
CA LEU A 64 10.53 -17.94 -8.36
C LEU A 64 9.59 -17.99 -7.16
N ALA A 65 9.62 -19.10 -6.41
CA ALA A 65 8.73 -19.23 -5.26
C ALA A 65 8.95 -18.14 -4.25
N SER A 66 10.17 -17.59 -4.17
CA SER A 66 10.42 -16.46 -3.31
C SER A 66 9.58 -15.23 -3.67
N PHE A 67 9.06 -15.17 -4.90
CA PHE A 67 8.19 -14.08 -5.35
C PHE A 67 6.71 -14.44 -5.37
N SER A 68 6.39 -15.67 -5.75
CA SER A 68 5.00 -16.06 -6.00
C SER A 68 4.46 -17.07 -5.01
N LYS A 69 5.33 -17.70 -4.20
CA LYS A 69 5.01 -18.81 -3.30
C LYS A 69 4.70 -20.10 -4.03
N ILE A 70 4.99 -20.18 -5.34
CA ILE A 70 4.81 -21.42 -6.10
C ILE A 70 6.05 -21.68 -6.94
N GLU A 71 6.23 -22.94 -7.34
CA GLU A 71 7.41 -23.39 -8.08
C GLU A 71 7.05 -24.00 -9.44
N THR A 72 5.84 -23.78 -9.93
CA THR A 72 5.41 -24.35 -11.20
C THR A 72 5.48 -23.31 -12.32
N VAL A 73 5.38 -23.79 -13.55
CA VAL A 73 5.18 -22.92 -14.71
C VAL A 73 3.78 -23.18 -15.25
N PRO A 74 3.12 -22.19 -15.88
CA PRO A 74 3.56 -20.80 -16.12
C PRO A 74 3.40 -19.88 -14.92
N GLN A 75 4.19 -18.80 -14.85
CA GLN A 75 4.01 -17.71 -13.90
C GLN A 75 4.09 -16.39 -14.65
N MET A 76 3.07 -15.55 -14.48
CA MET A 76 3.00 -14.24 -15.14
C MET A 76 3.21 -13.13 -14.11
N PHE A 77 4.11 -12.19 -14.42
CA PHE A 77 4.36 -11.00 -13.60
C PHE A 77 4.07 -9.74 -14.40
N VAL A 78 3.66 -8.67 -13.69
CA VAL A 78 3.43 -7.35 -14.28
C VAL A 78 4.07 -6.30 -13.36
N ARG A 79 5.09 -5.61 -13.86
CA ARG A 79 5.74 -4.50 -13.15
C ARG A 79 6.12 -4.90 -11.72
N GLY A 80 6.63 -6.12 -11.56
CA GLY A 80 7.16 -6.59 -10.29
C GLY A 80 6.17 -7.36 -9.42
N LYS A 81 4.93 -7.51 -9.85
CA LYS A 81 3.88 -8.16 -9.08
C LYS A 81 3.52 -9.50 -9.71
N PHE A 82 3.50 -10.56 -8.89
CA PHE A 82 2.99 -11.84 -9.36
C PHE A 82 1.50 -11.72 -9.66
N ILE A 83 1.09 -12.11 -10.86
CA ILE A 83 -0.29 -12.01 -11.28
C ILE A 83 -1.03 -13.34 -11.15
N GLY A 84 -0.44 -14.44 -11.62
CA GLY A 84 -1.08 -15.72 -11.40
C GLY A 84 -0.47 -16.84 -12.22
N ASP A 85 -1.00 -18.03 -11.99
CA ASP A 85 -0.69 -19.21 -12.78
C ASP A 85 -1.73 -19.32 -13.91
N SER A 86 -1.81 -20.49 -14.54
CA SER A 86 -2.74 -20.70 -15.64
C SER A 86 -4.18 -20.38 -15.25
N GLN A 87 -4.68 -21.00 -14.18
CA GLN A 87 -6.09 -20.82 -13.80
C GLN A 87 -6.41 -19.35 -13.51
N THR A 88 -5.50 -18.66 -12.81
CA THR A 88 -5.76 -17.28 -12.39
C THR A 88 -5.78 -16.32 -13.59
N VAL A 89 -4.84 -16.49 -14.53
CA VAL A 89 -4.83 -15.63 -15.72
C VAL A 89 -6.10 -15.84 -16.53
N LEU A 90 -6.53 -17.09 -16.72
CA LEU A 90 -7.76 -17.32 -17.49
C LEU A 90 -8.99 -16.79 -16.79
N LYS A 91 -8.99 -16.82 -15.45
CA LYS A 91 -10.08 -16.20 -14.67
C LYS A 91 -10.18 -14.71 -14.98
N TYR A 92 -9.05 -14.01 -14.96
CA TYR A 92 -9.06 -12.58 -15.23
C TYR A 92 -9.52 -12.29 -16.65
N TYR A 93 -9.19 -13.16 -17.60
CA TYR A 93 -9.58 -12.96 -18.99
C TYR A 93 -11.08 -13.09 -19.18
N SER A 94 -11.67 -14.20 -18.69
CA SER A 94 -13.10 -14.41 -18.92
C SER A 94 -13.96 -13.46 -18.11
N ASN A 95 -13.41 -12.80 -17.09
CA ASN A 95 -14.13 -11.78 -16.35
C ASN A 95 -13.83 -10.37 -16.85
N ASP A 96 -13.05 -10.23 -17.93
CA ASP A 96 -12.72 -8.92 -18.51
C ASP A 96 -11.96 -8.04 -17.52
N GLU A 97 -11.12 -8.64 -16.67
CA GLU A 97 -10.30 -7.91 -15.72
C GLU A 97 -8.84 -7.82 -16.12
N LEU A 98 -8.40 -8.62 -17.10
CA LEU A 98 -6.98 -8.72 -17.41
C LEU A 98 -6.43 -7.43 -18.01
N ALA A 99 -7.19 -6.78 -18.89
CA ALA A 99 -6.73 -5.54 -19.51
C ALA A 99 -6.36 -4.49 -18.46
N GLY A 100 -7.24 -4.28 -17.48
CA GLY A 100 -6.95 -3.29 -16.45
C GLY A 100 -5.79 -3.68 -15.55
N ILE A 101 -5.58 -4.98 -15.37
CA ILE A 101 -4.45 -5.44 -14.55
C ILE A 101 -3.13 -5.15 -15.25
N VAL A 102 -3.00 -5.54 -16.52
CA VAL A 102 -1.74 -5.34 -17.24
C VAL A 102 -1.45 -3.88 -17.51
N ASN A 103 -2.41 -2.98 -17.30
CA ASN A 103 -2.18 -1.57 -17.54
C ASN A 103 -2.02 -0.78 -16.25
N GLU A 104 -2.07 -1.43 -15.09
CA GLU A 104 -1.90 -0.73 -13.83
C GLU A 104 -0.44 -0.33 -13.64
N SER A 105 -0.20 0.95 -13.34
CA SER A 105 1.16 1.41 -13.16
C SER A 105 1.18 2.67 -12.29
N LYS A 106 2.26 2.79 -11.51
CA LYS A 106 2.54 4.01 -10.75
C LYS A 106 2.90 5.19 -11.65
N TYR A 107 3.27 4.93 -12.91
CA TYR A 107 3.80 5.94 -13.81
C TYR A 107 3.00 5.97 -15.11
N ASP A 108 3.08 7.10 -15.82
CA ASP A 108 2.43 7.17 -17.13
C ASP A 108 3.04 6.18 -18.12
N TYR A 109 4.36 5.99 -18.05
CA TYR A 109 5.07 5.14 -19.01
C TYR A 109 6.07 4.24 -18.29
N ASP A 110 6.25 3.02 -18.82
CA ASP A 110 7.36 2.19 -18.36
C ASP A 110 8.70 2.78 -18.77
N LEU A 111 8.75 3.49 -19.90
CA LEU A 111 9.99 4.01 -20.47
C LEU A 111 9.70 5.33 -21.15
N ILE A 112 10.49 6.36 -20.84
CA ILE A 112 10.50 7.61 -21.60
C ILE A 112 11.89 7.76 -22.19
N VAL A 113 11.96 7.87 -23.53
CA VAL A 113 13.21 8.14 -24.25
C VAL A 113 13.23 9.62 -24.61
N ILE A 114 14.25 10.34 -24.16
CA ILE A 114 14.42 11.75 -24.54
C ILE A 114 15.43 11.78 -25.68
N GLY A 115 14.92 12.02 -26.90
CA GLY A 115 15.75 12.03 -28.09
C GLY A 115 15.33 10.98 -29.09
N GLY A 116 14.94 11.40 -30.30
CA GLY A 116 14.46 10.51 -31.33
C GLY A 116 15.46 10.31 -32.47
N GLY A 117 16.69 9.94 -32.15
CA GLY A 117 17.70 9.69 -33.16
C GLY A 117 18.12 8.23 -33.25
N SER A 118 19.37 7.99 -33.67
CA SER A 118 19.84 6.62 -33.91
C SER A 118 19.60 5.73 -32.70
N GLY A 119 20.10 6.14 -31.53
CA GLY A 119 19.98 5.29 -30.35
C GLY A 119 18.59 5.24 -29.75
N GLY A 120 17.96 6.41 -29.64
CA GLY A 120 16.66 6.50 -28.97
C GLY A 120 15.55 5.76 -29.69
N LEU A 121 15.50 5.88 -31.03
CA LEU A 121 14.48 5.16 -31.79
C LEU A 121 14.69 3.65 -31.69
N ALA A 122 15.95 3.20 -31.74
CA ALA A 122 16.23 1.77 -31.63
C ALA A 122 15.81 1.23 -30.26
N ALA A 123 16.14 1.97 -29.20
CA ALA A 123 15.79 1.57 -27.84
C ALA A 123 14.28 1.50 -27.65
N GLY A 124 13.57 2.53 -28.13
CA GLY A 124 12.13 2.58 -27.91
C GLY A 124 11.40 1.46 -28.64
N LYS A 125 11.81 1.18 -29.88
CA LYS A 125 11.15 0.10 -30.63
C LYS A 125 11.42 -1.26 -29.98
N GLU A 126 12.65 -1.49 -29.52
CA GLU A 126 12.94 -2.79 -28.89
C GLU A 126 12.17 -2.97 -27.58
N ALA A 127 12.07 -1.91 -26.76
CA ALA A 127 11.39 -2.04 -25.48
C ALA A 127 9.90 -2.32 -25.66
N ALA A 128 9.28 -1.67 -26.64
CA ALA A 128 7.85 -1.86 -26.88
C ALA A 128 7.54 -3.30 -27.28
N LYS A 129 8.49 -3.97 -27.94
CA LYS A 129 8.29 -5.35 -28.33
C LYS A 129 8.01 -6.27 -27.14
N TYR A 130 8.52 -5.93 -25.95
CA TYR A 130 8.33 -6.77 -24.77
C TYR A 130 7.25 -6.23 -23.84
N GLY A 131 6.41 -5.31 -24.33
CA GLY A 131 5.27 -4.88 -23.57
C GLY A 131 5.46 -3.63 -22.76
N ALA A 132 6.64 -3.00 -22.81
CA ALA A 132 6.84 -1.74 -22.11
C ALA A 132 6.04 -0.63 -22.79
N LYS A 133 5.18 0.05 -22.02
CA LYS A 133 4.50 1.24 -22.52
C LYS A 133 5.52 2.36 -22.68
N THR A 134 5.73 2.82 -23.91
CA THR A 134 6.91 3.64 -24.25
C THR A 134 6.50 4.95 -24.90
N ALA A 135 7.20 6.04 -24.53
CA ALA A 135 7.11 7.32 -25.21
C ALA A 135 8.48 7.75 -25.72
N VAL A 136 8.53 8.22 -26.97
CA VAL A 136 9.73 8.82 -27.56
C VAL A 136 9.46 10.31 -27.77
N LEU A 137 10.33 11.15 -27.22
CA LEU A 137 10.29 12.61 -27.37
C LEU A 137 11.37 13.01 -28.36
N ASP A 138 11.02 13.85 -29.35
CA ASP A 138 12.04 14.40 -30.25
C ASP A 138 11.70 15.83 -30.64
N TYR A 139 12.70 16.69 -30.56
CA TYR A 139 12.58 18.08 -30.98
C TYR A 139 13.91 18.53 -31.55
N VAL A 140 13.85 19.29 -32.64
CA VAL A 140 15.03 19.77 -33.34
C VAL A 140 15.10 21.28 -33.16
N GLU A 141 16.01 21.76 -32.31
CA GLU A 141 16.23 23.19 -32.15
C GLU A 141 16.80 23.76 -33.45
N PRO A 142 16.21 24.80 -34.02
CA PRO A 142 16.69 25.29 -35.32
C PRO A 142 18.10 25.85 -35.27
N THR A 143 18.80 25.77 -36.39
CA THR A 143 20.12 26.37 -36.52
C THR A 143 19.99 27.90 -36.45
N PRO A 144 21.10 28.63 -36.32
CA PRO A 144 21.02 30.11 -36.33
C PRO A 144 20.30 30.72 -37.51
N ILE A 145 20.39 30.14 -38.71
CA ILE A 145 19.66 30.69 -39.85
C ILE A 145 18.26 30.11 -39.98
N GLY A 146 17.85 29.25 -39.05
CA GLY A 146 16.49 28.72 -39.02
C GLY A 146 16.28 27.31 -39.57
N THR A 147 17.34 26.60 -39.95
CA THR A 147 17.17 25.27 -40.53
C THR A 147 16.62 24.30 -39.49
N THR A 148 15.70 23.44 -39.93
CA THR A 148 15.12 22.39 -39.10
C THR A 148 14.80 21.18 -39.98
N TRP A 149 14.41 20.05 -39.35
CA TRP A 149 14.19 18.78 -40.05
C TRP A 149 13.34 17.86 -39.18
N GLY A 150 13.09 16.65 -39.70
CA GLY A 150 12.12 15.74 -39.13
C GLY A 150 12.73 14.65 -38.26
N LEU A 151 11.89 13.67 -37.93
CA LEU A 151 12.26 12.62 -37.00
C LEU A 151 13.40 11.75 -37.53
N GLY A 152 14.33 11.37 -36.64
CA GLY A 152 15.33 10.39 -37.04
C GLY A 152 16.77 10.67 -36.60
N GLY A 153 17.04 11.91 -36.15
CA GLY A 153 18.34 12.26 -35.59
C GLY A 153 19.37 12.79 -36.60
N THR A 154 20.62 12.88 -36.12
CA THR A 154 21.67 13.54 -36.89
C THR A 154 22.08 12.72 -38.12
N CYS A 155 22.22 11.40 -37.96
CA CYS A 155 22.66 10.58 -39.09
C CYS A 155 21.66 10.66 -40.25
N VAL A 156 20.38 10.44 -39.96
CA VAL A 156 19.34 10.40 -41.01
C VAL A 156 19.21 11.74 -41.74
N ASN A 157 19.20 12.86 -40.99
CA ASN A 157 18.85 14.18 -41.53
C ASN A 157 20.04 15.04 -41.95
N VAL A 158 21.12 15.04 -41.17
CA VAL A 158 22.21 15.98 -41.43
C VAL A 158 23.57 15.31 -41.20
N GLY A 159 23.67 14.00 -41.50
CA GLY A 159 24.85 13.21 -41.16
C GLY A 159 25.15 12.10 -42.17
N CYS A 160 25.31 10.86 -41.68
CA CYS A 160 25.81 9.76 -42.52
C CYS A 160 25.03 9.64 -43.83
N ILE A 161 23.70 9.79 -43.78
CA ILE A 161 22.87 9.50 -44.95
C ILE A 161 23.03 10.57 -46.05
N PRO A 162 22.77 11.87 -45.81
CA PRO A 162 23.00 12.84 -46.89
C PRO A 162 24.47 12.96 -47.29
N LYS A 163 25.40 12.80 -46.35
CA LYS A 163 26.80 13.00 -46.75
C LYS A 163 27.28 11.85 -47.64
N LYS A 164 26.85 10.60 -47.40
CA LYS A 164 27.29 9.55 -48.31
C LYS A 164 26.58 9.62 -49.66
N LEU A 165 25.34 10.14 -49.70
CA LEU A 165 24.69 10.38 -51.00
C LEU A 165 25.44 11.43 -51.80
N MET A 166 25.91 12.49 -51.14
CA MET A 166 26.63 13.54 -51.85
C MET A 166 28.02 13.06 -52.27
N HIS A 167 28.69 12.27 -51.40
CA HIS A 167 29.90 11.55 -51.77
C HIS A 167 29.69 10.73 -53.05
N GLN A 168 28.55 10.05 -53.16
CA GLN A 168 28.34 9.22 -54.34
C GLN A 168 28.18 10.09 -55.59
N ALA A 169 27.51 11.25 -55.45
CA ALA A 169 27.43 12.20 -56.57
C ALA A 169 28.81 12.64 -57.01
N GLY A 170 29.70 12.86 -56.03
CA GLY A 170 31.09 13.17 -56.35
C GLY A 170 31.82 12.03 -57.03
N LEU A 171 31.67 10.80 -56.51
CA LEU A 171 32.33 9.65 -57.13
C LEU A 171 31.88 9.47 -58.59
N LEU A 172 30.64 9.83 -58.91
CA LEU A 172 30.17 9.67 -60.28
C LEU A 172 30.92 10.59 -61.26
N SER A 173 31.50 11.70 -60.80
CA SER A 173 32.31 12.52 -61.70
C SER A 173 33.44 11.69 -62.31
N HIS A 174 34.13 10.90 -61.48
CA HIS A 174 35.23 10.09 -62.00
C HIS A 174 34.73 8.86 -62.75
N ALA A 175 33.53 8.37 -62.44
CA ALA A 175 32.93 7.34 -63.27
C ALA A 175 32.66 7.85 -64.69
N LEU A 176 32.19 9.10 -64.82
CA LEU A 176 32.00 9.68 -66.14
C LEU A 176 33.32 9.79 -66.90
N GLU A 177 34.39 10.21 -66.22
CA GLU A 177 35.72 10.24 -66.84
C GLU A 177 36.15 8.84 -67.27
N ASP A 178 36.06 7.87 -66.36
CA ASP A 178 36.54 6.52 -66.66
C ASP A 178 35.81 5.94 -67.87
N ALA A 179 34.52 6.24 -68.02
CA ALA A 179 33.71 5.59 -69.04
C ALA A 179 34.28 5.82 -70.44
N GLU A 180 34.88 6.99 -70.71
CA GLU A 180 35.46 7.20 -72.03
C GLU A 180 36.56 6.17 -72.31
N HIS A 181 37.41 5.88 -71.32
CA HIS A 181 38.49 4.93 -71.54
C HIS A 181 37.98 3.51 -71.74
N PHE A 182 36.81 3.19 -71.17
CA PHE A 182 36.24 1.86 -71.32
C PHE A 182 35.35 1.75 -72.57
N GLY A 183 35.28 2.80 -73.38
CA GLY A 183 34.65 2.70 -74.69
C GLY A 183 33.36 3.49 -74.89
N TRP A 184 32.88 4.21 -73.87
CA TRP A 184 31.62 4.94 -73.99
C TRP A 184 31.85 6.29 -74.68
N SER A 185 30.83 6.75 -75.41
CA SER A 185 31.01 7.87 -76.34
C SER A 185 30.83 9.26 -75.72
N LEU A 186 30.56 9.38 -74.43
CA LEU A 186 30.35 10.70 -73.84
C LEU A 186 31.64 11.52 -73.81
N ASP A 187 31.48 12.83 -73.59
CA ASP A 187 32.60 13.77 -73.45
C ASP A 187 32.49 14.47 -72.10
N ARG A 188 33.30 14.02 -71.14
CA ARG A 188 33.17 14.46 -69.75
C ARG A 188 33.31 15.98 -69.63
N SER A 189 34.18 16.59 -70.44
CA SER A 189 34.39 18.02 -70.32
C SER A 189 33.17 18.85 -70.73
N LYS A 190 32.16 18.24 -71.36
CA LYS A 190 30.94 18.96 -71.73
C LYS A 190 29.83 18.81 -70.70
N ILE A 191 30.05 18.12 -69.59
CA ILE A 191 28.99 17.79 -68.65
C ILE A 191 29.19 18.62 -67.38
N SER A 192 28.09 19.14 -66.82
CA SER A 192 28.11 19.95 -65.62
C SER A 192 27.22 19.33 -64.55
N HIS A 193 27.29 19.86 -63.34
CA HIS A 193 26.47 19.36 -62.23
C HIS A 193 25.46 20.41 -61.74
N ASN A 194 24.23 19.96 -61.42
CA ASN A 194 23.17 20.83 -60.91
C ASN A 194 22.95 20.51 -59.43
N TRP A 195 23.45 21.40 -58.56
CA TRP A 195 23.35 21.21 -57.11
C TRP A 195 21.89 21.01 -56.65
N SER A 196 20.99 21.88 -57.11
CA SER A 196 19.64 21.83 -56.60
C SER A 196 18.92 20.53 -56.99
N THR A 197 19.22 19.99 -58.18
CA THR A 197 18.64 18.70 -58.54
C THR A 197 19.13 17.61 -57.58
N MET A 198 20.40 17.65 -57.20
CA MET A 198 20.95 16.69 -56.25
C MET A 198 20.28 16.82 -54.88
N VAL A 199 20.25 18.04 -54.32
CA VAL A 199 19.64 18.26 -53.01
C VAL A 199 18.18 17.81 -53.00
N GLU A 200 17.45 18.08 -54.09
CA GLU A 200 16.05 17.66 -54.12
C GLU A 200 15.94 16.14 -54.01
N GLY A 201 16.80 15.40 -54.70
CA GLY A 201 16.76 13.94 -54.60
C GLY A 201 17.16 13.43 -53.23
N VAL A 202 18.22 14.01 -52.65
CA VAL A 202 18.64 13.65 -51.30
C VAL A 202 17.51 13.91 -50.30
N GLN A 203 16.87 15.07 -50.39
CA GLN A 203 15.85 15.43 -49.41
C GLN A 203 14.60 14.57 -49.56
N SER A 204 14.29 14.15 -50.77
CA SER A 204 13.17 13.23 -50.97
C SER A 204 13.41 11.90 -50.24
N HIS A 205 14.64 11.38 -50.30
CA HIS A 205 14.95 10.16 -49.56
C HIS A 205 14.86 10.39 -48.05
N ILE A 206 15.42 11.50 -47.57
CA ILE A 206 15.36 11.80 -46.13
C ILE A 206 13.91 11.88 -45.67
N GLY A 207 13.05 12.50 -46.48
CA GLY A 207 11.65 12.61 -46.13
C GLY A 207 10.97 11.27 -46.03
N SER A 208 11.36 10.32 -46.88
CA SER A 208 10.82 8.97 -46.78
C SER A 208 11.30 8.27 -45.52
N LEU A 209 12.50 8.61 -45.03
CA LEU A 209 12.93 8.06 -43.74
C LEU A 209 12.17 8.68 -42.57
N ASN A 210 12.00 10.02 -42.55
CA ASN A 210 11.18 10.69 -41.53
C ASN A 210 9.83 9.98 -41.39
N TRP A 211 9.15 9.81 -42.52
CA TRP A 211 7.83 9.16 -42.55
C TRP A 211 7.89 7.72 -42.06
N GLY A 212 8.89 6.96 -42.52
CA GLY A 212 8.99 5.57 -42.10
C GLY A 212 9.16 5.40 -40.60
N TYR A 213 9.90 6.32 -39.96
CA TYR A 213 10.04 6.22 -38.50
C TYR A 213 8.71 6.48 -37.79
N LYS A 214 7.95 7.47 -38.23
CA LYS A 214 6.65 7.73 -37.61
C LYS A 214 5.71 6.54 -37.80
N VAL A 215 5.76 5.90 -38.97
CA VAL A 215 4.92 4.72 -39.20
C VAL A 215 5.37 3.57 -38.30
N ALA A 216 6.68 3.39 -38.14
CA ALA A 216 7.19 2.31 -37.29
C ALA A 216 6.77 2.50 -35.83
N LEU A 217 6.88 3.72 -35.30
CA LEU A 217 6.47 3.97 -33.92
C LEU A 217 4.98 3.70 -33.74
N ARG A 218 4.15 4.22 -34.66
CA ARG A 218 2.72 3.96 -34.64
C ARG A 218 2.44 2.46 -34.63
N ASP A 219 3.10 1.70 -35.51
CA ASP A 219 2.83 0.26 -35.60
C ASP A 219 3.34 -0.52 -34.39
N ASN A 220 4.26 0.03 -33.61
CA ASN A 220 4.75 -0.62 -32.40
C ASN A 220 4.03 -0.14 -31.15
N GLN A 221 2.99 0.69 -31.31
CA GLN A 221 2.23 1.30 -30.21
C GLN A 221 3.11 2.19 -29.34
N VAL A 222 4.10 2.86 -29.93
CA VAL A 222 4.92 3.81 -29.19
C VAL A 222 4.32 5.20 -29.36
N THR A 223 4.23 5.95 -28.24
CA THR A 223 3.77 7.33 -28.27
C THR A 223 4.89 8.24 -28.74
N TYR A 224 4.70 8.94 -29.86
CA TYR A 224 5.67 9.92 -30.35
C TYR A 224 5.19 11.32 -30.00
N LEU A 225 6.00 12.08 -29.26
CA LEU A 225 5.70 13.47 -28.93
C LEU A 225 6.77 14.35 -29.56
N ASN A 226 6.35 15.24 -30.46
CA ASN A 226 7.26 16.24 -31.04
C ASN A 226 7.35 17.40 -30.05
N ALA A 227 8.19 17.21 -29.04
CA ALA A 227 8.27 18.15 -27.92
C ALA A 227 9.65 18.04 -27.29
N LYS A 228 10.08 19.15 -26.69
CA LYS A 228 11.37 19.22 -26.02
C LYS A 228 11.21 18.77 -24.57
N GLY A 229 12.05 17.84 -24.14
CA GLY A 229 11.94 17.23 -22.82
C GLY A 229 13.02 17.75 -21.87
N ARG A 230 12.68 17.81 -20.59
CA ARG A 230 13.64 18.17 -19.55
C ARG A 230 13.37 17.29 -18.34
N LEU A 231 14.40 16.59 -17.87
CA LEU A 231 14.29 15.73 -16.70
C LEU A 231 14.40 16.60 -15.45
N ILE A 232 13.31 16.74 -14.70
CA ILE A 232 13.29 17.62 -13.53
C ILE A 232 13.36 16.86 -12.22
N SER A 233 13.17 15.55 -12.25
CA SER A 233 13.44 14.66 -11.12
C SER A 233 13.57 13.25 -11.70
N PRO A 234 13.99 12.26 -10.90
CA PRO A 234 14.28 10.93 -11.50
C PRO A 234 13.16 10.35 -12.37
N HIS A 235 11.89 10.60 -12.03
CA HIS A 235 10.78 10.03 -12.78
C HIS A 235 9.91 11.06 -13.49
N GLU A 236 10.23 12.35 -13.44
CA GLU A 236 9.40 13.40 -14.01
C GLU A 236 10.08 14.06 -15.19
N VAL A 237 9.39 14.12 -16.33
CA VAL A 237 9.90 14.80 -17.53
C VAL A 237 8.95 15.94 -17.88
N GLN A 238 9.47 17.15 -17.91
CA GLN A 238 8.68 18.32 -18.32
C GLN A 238 8.81 18.51 -19.83
N ILE A 239 7.67 18.63 -20.51
CA ILE A 239 7.63 18.72 -21.96
C ILE A 239 7.05 20.06 -22.39
N THR A 240 7.65 20.63 -23.44
CA THR A 240 7.19 21.86 -24.08
C THR A 240 6.90 21.55 -25.54
N ASP A 241 5.66 21.80 -25.97
CA ASP A 241 5.25 21.46 -27.34
C ASP A 241 5.44 22.65 -28.28
N LYS A 242 4.95 22.56 -29.51
CA LYS A 242 5.21 23.59 -30.51
C LYS A 242 4.37 24.84 -30.31
N ASN A 243 3.45 24.84 -29.35
CA ASN A 243 2.70 26.03 -28.97
C ASN A 243 3.13 26.56 -27.60
N GLN A 244 4.30 26.11 -27.11
CA GLN A 244 4.84 26.46 -25.79
C GLN A 244 3.93 26.05 -24.65
N LYS A 245 3.03 25.10 -24.87
CA LYS A 245 2.28 24.50 -23.78
C LYS A 245 3.19 23.57 -22.98
N VAL A 246 3.22 23.75 -21.67
CA VAL A 246 4.11 23.00 -20.79
C VAL A 246 3.28 22.04 -19.94
N SER A 247 3.78 20.81 -19.78
CA SER A 247 3.14 19.80 -18.94
C SER A 247 4.22 18.83 -18.46
N THR A 248 3.81 17.90 -17.59
CA THR A 248 4.72 16.90 -17.02
C THR A 248 4.18 15.50 -17.26
N ILE A 249 5.07 14.58 -17.64
CA ILE A 249 4.76 13.15 -17.72
C ILE A 249 5.78 12.38 -16.88
N THR A 250 5.39 11.19 -16.43
CA THR A 250 6.23 10.38 -15.56
C THR A 250 6.56 9.03 -16.20
N GLY A 251 7.74 8.52 -15.90
CA GLY A 251 8.18 7.23 -16.43
C GLY A 251 8.97 6.46 -15.39
N ASN A 252 8.87 5.12 -15.47
CA ASN A 252 9.67 4.27 -14.58
C ASN A 252 11.16 4.37 -14.94
N LYS A 253 11.52 3.96 -16.15
CA LYS A 253 12.89 4.06 -16.65
C LYS A 253 13.02 5.23 -17.61
N ILE A 254 14.18 5.91 -17.59
CA ILE A 254 14.46 7.05 -18.45
C ILE A 254 15.71 6.74 -19.25
N ILE A 255 15.65 6.93 -20.58
CA ILE A 255 16.84 6.81 -21.43
C ILE A 255 17.16 8.18 -22.02
N LEU A 256 18.34 8.71 -21.70
CA LEU A 256 18.80 9.96 -22.29
C LEU A 256 19.52 9.65 -23.60
N ALA A 257 19.08 10.27 -24.69
CA ALA A 257 19.63 9.98 -26.03
C ALA A 257 19.57 11.22 -26.93
N THR A 258 20.04 12.37 -26.43
CA THR A 258 19.80 13.66 -27.09
C THR A 258 20.92 14.11 -28.04
N GLY A 259 22.01 13.36 -28.16
CA GLY A 259 23.04 13.67 -29.16
C GLY A 259 23.78 14.99 -28.93
N GLU A 260 24.36 15.51 -30.02
CA GLU A 260 25.23 16.69 -30.01
C GLU A 260 24.84 17.62 -31.16
N ARG A 261 25.41 18.82 -31.18
CA ARG A 261 25.21 19.78 -32.27
C ARG A 261 26.55 20.44 -32.58
N PRO A 262 26.70 21.04 -33.76
CA PRO A 262 28.00 21.64 -34.12
C PRO A 262 28.38 22.83 -33.23
N LYS A 263 29.69 22.97 -33.01
CA LYS A 263 30.27 24.15 -32.35
C LYS A 263 30.59 25.24 -33.36
N TYR A 264 30.61 26.50 -32.89
CA TYR A 264 31.15 27.65 -33.63
C TYR A 264 32.34 28.23 -32.87
N PRO A 265 33.37 28.71 -33.56
CA PRO A 265 34.42 29.49 -32.87
C PRO A 265 33.88 30.83 -32.39
N GLU A 266 34.49 31.34 -31.32
CA GLU A 266 34.10 32.63 -30.73
C GLU A 266 34.87 33.74 -31.43
N ILE A 267 34.44 34.06 -32.65
CA ILE A 267 35.01 35.17 -33.43
C ILE A 267 33.86 35.98 -34.03
N PRO A 268 34.08 37.26 -34.32
CA PRO A 268 33.01 38.07 -34.94
C PRO A 268 32.61 37.52 -36.29
N GLY A 269 31.29 37.44 -36.50
CA GLY A 269 30.72 37.06 -37.78
C GLY A 269 30.50 35.57 -37.99
N ALA A 270 30.93 34.71 -37.07
CA ALA A 270 30.88 33.27 -37.30
C ALA A 270 29.43 32.77 -37.30
N VAL A 271 28.70 33.07 -36.24
CA VAL A 271 27.29 32.68 -36.14
C VAL A 271 26.44 33.37 -37.20
N GLU A 272 26.71 34.67 -37.43
CA GLU A 272 25.88 35.47 -38.32
C GLU A 272 26.05 35.05 -39.78
N TYR A 273 27.28 34.79 -40.23
CA TYR A 273 27.54 34.69 -41.66
C TYR A 273 28.07 33.34 -42.16
N GLY A 274 28.57 32.46 -41.28
CA GLY A 274 28.95 31.12 -41.68
C GLY A 274 27.80 30.14 -41.50
N ILE A 275 28.04 28.89 -41.93
CA ILE A 275 27.10 27.79 -41.74
C ILE A 275 27.86 26.57 -41.19
N THR A 276 27.12 25.50 -40.89
CA THR A 276 27.69 24.21 -40.50
C THR A 276 27.11 23.08 -41.36
N SER A 277 27.55 21.85 -41.06
CA SER A 277 26.95 20.66 -41.68
C SER A 277 25.43 20.61 -41.51
N ASP A 278 24.90 21.14 -40.40
CA ASP A 278 23.44 21.15 -40.19
C ASP A 278 22.70 21.86 -41.33
N ASP A 279 23.31 22.91 -41.89
CA ASP A 279 22.69 23.68 -42.96
C ASP A 279 23.03 23.15 -44.35
N LEU A 280 24.20 22.51 -44.49
CA LEU A 280 24.71 22.22 -45.83
C LEU A 280 23.81 21.27 -46.60
N PHE A 281 23.25 20.26 -45.93
CA PHE A 281 22.62 19.18 -46.68
C PHE A 281 21.25 19.55 -47.25
N SER A 282 20.67 20.69 -46.87
CA SER A 282 19.45 21.18 -47.49
C SER A 282 19.62 22.56 -48.12
N LEU A 283 20.84 23.03 -48.31
CA LEU A 283 21.08 24.39 -48.80
C LEU A 283 20.45 24.59 -50.17
N PRO A 284 19.65 25.63 -50.37
CA PRO A 284 18.94 25.76 -51.66
C PRO A 284 19.79 26.21 -52.85
N TYR A 285 20.98 26.79 -52.64
CA TYR A 285 21.90 27.21 -53.70
C TYR A 285 23.21 26.45 -53.58
N PHE A 286 23.96 26.36 -54.69
CA PHE A 286 25.32 25.80 -54.64
C PHE A 286 26.19 26.71 -53.78
N PRO A 287 26.98 26.15 -52.85
CA PRO A 287 27.84 27.01 -52.01
C PRO A 287 28.76 27.94 -52.78
N GLY A 288 29.16 27.57 -54.02
CA GLY A 288 30.14 28.37 -54.76
C GLY A 288 31.54 28.20 -54.21
N LYS A 289 32.35 29.24 -54.35
CA LYS A 289 33.69 29.21 -53.77
C LYS A 289 33.61 29.13 -52.24
N THR A 290 34.19 28.07 -51.66
CA THR A 290 33.91 27.67 -50.28
C THR A 290 35.18 27.53 -49.47
N LEU A 291 35.15 28.03 -48.23
CA LEU A 291 36.18 27.76 -47.22
C LEU A 291 35.57 26.83 -46.17
N VAL A 292 36.24 25.71 -45.92
CA VAL A 292 35.89 24.82 -44.81
C VAL A 292 36.92 25.02 -43.71
N ILE A 293 36.47 25.42 -42.52
CA ILE A 293 37.36 25.63 -41.38
C ILE A 293 37.27 24.41 -40.47
N GLY A 294 38.39 23.71 -40.30
CA GLY A 294 38.44 22.51 -39.49
C GLY A 294 39.14 21.38 -40.22
N ALA A 295 39.31 20.26 -39.51
CA ALA A 295 40.14 19.18 -40.02
C ALA A 295 39.65 17.80 -39.60
N SER A 296 38.45 17.70 -39.03
CA SER A 296 37.79 16.45 -38.68
C SER A 296 37.37 15.69 -39.93
N TYR A 297 36.86 14.47 -39.72
CA TYR A 297 36.32 13.73 -40.86
C TYR A 297 35.13 14.46 -41.50
N VAL A 298 34.34 15.19 -40.70
CA VAL A 298 33.25 15.99 -41.26
C VAL A 298 33.81 17.04 -42.22
N ALA A 299 34.85 17.77 -41.78
CA ALA A 299 35.44 18.81 -42.63
C ALA A 299 35.99 18.23 -43.94
N LEU A 300 36.73 17.11 -43.86
CA LEU A 300 37.36 16.60 -45.07
C LEU A 300 36.36 15.92 -46.01
N GLU A 301 35.37 15.21 -45.46
CA GLU A 301 34.35 14.60 -46.32
C GLU A 301 33.55 15.66 -47.10
N CYS A 302 33.19 16.75 -46.42
CA CYS A 302 32.43 17.81 -47.08
C CYS A 302 33.28 18.53 -48.10
N ALA A 303 34.52 18.89 -47.75
CA ALA A 303 35.38 19.51 -48.76
C ALA A 303 35.59 18.60 -49.95
N GLY A 304 35.69 17.29 -49.70
CA GLY A 304 35.96 16.36 -50.78
C GLY A 304 34.86 16.32 -51.82
N PHE A 305 33.59 16.16 -51.38
CA PHE A 305 32.56 16.06 -52.40
C PHE A 305 32.29 17.41 -53.07
N LEU A 306 32.41 18.52 -52.34
CA LEU A 306 32.24 19.82 -52.99
C LEU A 306 33.23 20.01 -54.13
N ALA A 307 34.48 19.55 -53.94
CA ALA A 307 35.48 19.68 -54.99
C ALA A 307 35.14 18.82 -56.20
N SER A 308 34.74 17.56 -55.96
CA SER A 308 34.36 16.66 -57.05
C SER A 308 33.14 17.17 -57.82
N LEU A 309 32.26 17.92 -57.15
CA LEU A 309 31.12 18.52 -57.85
C LEU A 309 31.49 19.80 -58.59
N GLY A 310 32.79 20.10 -58.70
CA GLY A 310 33.25 21.25 -59.47
C GLY A 310 33.43 22.54 -58.69
N GLY A 311 33.40 22.50 -57.35
CA GLY A 311 33.57 23.70 -56.56
C GLY A 311 35.04 24.08 -56.35
N ASP A 312 35.25 25.36 -56.04
CA ASP A 312 36.56 25.92 -55.70
C ASP A 312 36.66 25.89 -54.17
N VAL A 313 37.41 24.93 -53.63
CA VAL A 313 37.34 24.59 -52.19
C VAL A 313 38.70 24.74 -51.54
N THR A 314 38.73 25.40 -50.37
CA THR A 314 39.90 25.51 -49.49
C THR A 314 39.56 25.00 -48.09
N VAL A 315 40.52 24.30 -47.45
CA VAL A 315 40.39 23.81 -46.08
C VAL A 315 41.44 24.53 -45.21
N MET A 316 40.96 25.17 -44.14
CA MET A 316 41.81 25.85 -43.14
C MET A 316 42.12 24.89 -41.98
N VAL A 317 43.40 24.52 -41.81
CA VAL A 317 43.81 23.50 -40.84
C VAL A 317 44.64 24.15 -39.71
N ARG A 318 44.13 24.08 -38.47
CA ARG A 318 44.85 24.64 -37.31
C ARG A 318 46.20 23.93 -37.06
N SER A 319 46.18 22.58 -37.02
CA SER A 319 47.42 21.83 -36.78
C SER A 319 47.57 20.63 -37.71
N ILE A 320 46.81 19.56 -37.49
CA ILE A 320 46.94 18.31 -38.22
C ILE A 320 45.57 17.84 -38.73
N LEU A 321 45.59 16.94 -39.71
CA LEU A 321 44.38 16.29 -40.21
C LEU A 321 43.99 15.12 -39.32
N LEU A 322 42.69 14.99 -39.04
CA LEU A 322 42.14 13.77 -38.44
C LEU A 322 42.81 13.39 -37.12
N ARG A 323 42.94 14.36 -36.22
CA ARG A 323 43.51 14.08 -34.90
C ARG A 323 42.81 12.89 -34.25
N GLY A 324 43.59 11.95 -33.72
CA GLY A 324 43.07 10.73 -33.15
C GLY A 324 43.10 9.51 -34.06
N PHE A 325 43.17 9.69 -35.38
CA PHE A 325 43.39 8.61 -36.32
C PHE A 325 44.88 8.46 -36.62
N ASP A 326 45.27 7.27 -37.09
CA ASP A 326 46.63 6.99 -37.56
C ASP A 326 47.12 8.10 -38.50
N GLN A 327 48.26 8.72 -38.16
CA GLN A 327 48.66 9.95 -38.85
C GLN A 327 49.34 9.70 -40.19
N GLN A 328 49.98 8.55 -40.38
CA GLN A 328 50.44 8.22 -41.72
C GLN A 328 49.26 8.11 -42.69
N MET A 329 48.17 7.45 -42.25
CA MET A 329 46.99 7.34 -43.11
C MET A 329 46.34 8.70 -43.32
N ALA A 330 46.26 9.52 -42.26
CA ALA A 330 45.68 10.86 -42.42
C ALA A 330 46.41 11.69 -43.46
N GLU A 331 47.75 11.64 -43.45
CA GLU A 331 48.52 12.40 -44.43
C GLU A 331 48.27 11.92 -45.85
N LYS A 332 48.18 10.59 -46.06
CA LYS A 332 47.89 10.07 -47.39
C LYS A 332 46.50 10.51 -47.88
N VAL A 333 45.52 10.53 -46.97
CA VAL A 333 44.18 11.02 -47.30
C VAL A 333 44.25 12.46 -47.80
N GLY A 334 44.97 13.32 -47.07
CA GLY A 334 45.03 14.71 -47.46
C GLY A 334 45.86 14.94 -48.71
N ASP A 335 46.93 14.15 -48.91
CA ASP A 335 47.74 14.31 -50.13
C ASP A 335 46.93 14.00 -51.37
N TYR A 336 46.06 12.98 -51.31
CA TYR A 336 45.21 12.64 -52.45
C TYR A 336 44.25 13.80 -52.75
N MET A 337 43.61 14.32 -51.71
CA MET A 337 42.68 15.44 -51.84
C MET A 337 43.39 16.64 -52.49
N GLU A 338 44.62 16.94 -52.04
CA GLU A 338 45.34 18.09 -52.58
C GLU A 338 45.75 17.87 -54.03
N ASN A 339 46.06 16.62 -54.40
CA ASN A 339 46.41 16.38 -55.80
C ASN A 339 45.19 16.44 -56.71
N HIS A 340 44.00 16.30 -56.16
CA HIS A 340 42.77 16.33 -56.94
C HIS A 340 41.92 17.58 -56.65
N GLY A 341 42.58 18.71 -56.42
CA GLY A 341 41.92 20.01 -56.51
C GLY A 341 41.63 20.72 -55.20
N VAL A 342 41.65 20.04 -54.05
CA VAL A 342 41.34 20.70 -52.77
C VAL A 342 42.57 21.49 -52.31
N LYS A 343 42.38 22.78 -52.01
CA LYS A 343 43.49 23.60 -51.52
C LYS A 343 43.49 23.62 -50.00
N PHE A 344 44.70 23.68 -49.42
CA PHE A 344 44.84 23.63 -47.97
C PHE A 344 45.59 24.85 -47.47
N ALA A 345 45.03 25.51 -46.46
CA ALA A 345 45.71 26.57 -45.72
C ALA A 345 46.16 25.98 -44.38
N LYS A 346 47.45 25.62 -44.31
CA LYS A 346 47.98 24.82 -43.22
C LYS A 346 48.52 25.71 -42.11
N LEU A 347 48.34 25.25 -40.86
CA LEU A 347 48.78 25.96 -39.65
C LEU A 347 48.15 27.35 -39.56
N CYS A 348 46.82 27.40 -39.66
CA CYS A 348 46.11 28.66 -39.86
C CYS A 348 44.78 28.64 -39.12
N VAL A 349 44.42 29.77 -38.52
CA VAL A 349 43.13 29.90 -37.80
C VAL A 349 42.44 31.20 -38.19
N PRO A 350 41.10 31.27 -38.11
CA PRO A 350 40.39 32.50 -38.49
C PRO A 350 40.21 33.46 -37.33
N ASP A 351 40.21 34.77 -37.66
CA ASP A 351 40.00 35.83 -36.66
C ASP A 351 38.64 36.52 -36.81
N ILE A 353 34.99 36.95 -39.67
CA ILE A 353 34.19 36.88 -40.89
C ILE A 353 33.42 38.18 -41.12
N LYS A 354 33.70 38.87 -42.23
CA LYS A 354 33.02 40.12 -42.60
C LYS A 354 32.07 39.88 -43.77
N GLN A 355 30.86 40.46 -43.70
CA GLN A 355 29.87 40.27 -44.76
C GLN A 355 30.04 41.31 -45.86
N LEU A 356 30.22 40.86 -47.10
CA LEU A 356 30.30 41.70 -48.28
C LEU A 356 29.00 41.71 -49.09
N LYS A 357 28.31 40.58 -49.17
CA LYS A 357 27.02 40.49 -49.84
C LYS A 357 26.11 39.60 -49.03
N VAL A 358 24.85 40.01 -48.88
CA VAL A 358 23.83 39.20 -48.23
C VAL A 358 23.41 38.05 -49.16
N VAL A 359 23.04 36.91 -48.57
CA VAL A 359 22.55 35.78 -49.36
C VAL A 359 21.36 36.23 -50.21
N ASP A 360 21.36 35.85 -51.49
CA ASP A 360 20.35 36.28 -52.46
C ASP A 360 19.26 35.21 -52.50
N THR A 361 18.32 35.34 -51.57
CA THR A 361 17.24 34.37 -51.44
C THR A 361 16.27 34.42 -52.62
N GLU A 362 16.22 35.54 -53.36
CA GLU A 362 15.36 35.65 -54.54
C GLU A 362 15.91 34.81 -55.67
N ASN A 363 17.06 35.23 -56.23
CA ASN A 363 17.72 34.54 -57.33
C ASN A 363 18.40 33.24 -56.93
N ASN A 364 18.30 32.81 -55.67
CA ASN A 364 18.86 31.54 -55.21
C ASN A 364 20.38 31.47 -55.45
N LYS A 365 21.09 32.40 -54.82
CA LYS A 365 22.53 32.55 -54.94
C LYS A 365 23.13 32.79 -53.56
N PRO A 366 24.36 32.36 -53.34
CA PRO A 366 25.05 32.68 -52.07
C PRO A 366 25.42 34.16 -51.99
N GLY A 367 25.82 34.57 -50.79
CA GLY A 367 26.40 35.88 -50.55
C GLY A 367 27.89 35.92 -50.85
N LEU A 368 28.62 36.74 -50.08
CA LEU A 368 30.06 36.89 -50.28
C LEU A 368 30.68 37.40 -48.98
N LEU A 369 31.79 36.78 -48.57
CA LEU A 369 32.37 37.02 -47.26
C LEU A 369 33.86 37.29 -47.37
N LEU A 370 34.36 38.12 -46.46
CA LEU A 370 35.81 38.32 -46.33
C LEU A 370 36.26 37.61 -45.06
N VAL A 371 37.20 36.67 -45.22
CA VAL A 371 37.74 35.91 -44.08
C VAL A 371 39.13 36.43 -43.77
N LYS A 372 39.35 36.85 -42.52
CA LYS A 372 40.66 37.28 -42.05
C LYS A 372 41.15 36.31 -40.98
N GLY A 373 42.43 35.92 -41.07
CA GLY A 373 43.01 35.00 -40.11
C GLY A 373 44.52 35.16 -40.01
N HIS A 374 45.23 34.18 -39.43
CA HIS A 374 46.69 34.27 -39.34
C HIS A 374 47.32 32.88 -39.20
N TYR A 375 48.51 32.72 -39.77
CA TYR A 375 49.30 31.51 -39.65
C TYR A 375 50.06 31.50 -38.32
N THR A 376 50.53 30.31 -37.92
CA THR A 376 51.10 30.19 -36.59
C THR A 376 52.35 31.05 -36.44
N ASP A 377 53.02 31.38 -37.54
CA ASP A 377 54.18 32.27 -37.45
C ASP A 377 53.80 33.74 -37.44
N GLY A 378 52.51 34.07 -37.50
CA GLY A 378 52.04 35.44 -37.45
C GLY A 378 51.70 36.08 -38.79
N LYS A 379 52.08 35.46 -39.92
CA LYS A 379 51.70 36.03 -41.22
C LYS A 379 50.18 36.05 -41.34
N LYS A 380 49.68 36.98 -42.17
CA LYS A 380 48.24 37.21 -42.26
C LYS A 380 47.59 36.37 -43.36
N PHE A 381 46.31 36.03 -43.14
CA PHE A 381 45.44 35.39 -44.13
C PHE A 381 44.28 36.33 -44.41
N GLU A 382 43.97 36.54 -45.69
CA GLU A 382 42.83 37.38 -46.08
C GLU A 382 42.36 36.97 -47.47
N GLU A 383 41.13 36.46 -47.60
CA GLU A 383 40.65 36.01 -48.90
C GLU A 383 39.12 36.02 -48.87
N GLU A 384 38.51 36.16 -50.06
CA GLU A 384 37.05 36.21 -50.19
C GLU A 384 36.48 34.82 -50.52
N PHE A 385 35.32 34.51 -49.94
CA PHE A 385 34.63 33.25 -50.23
C PHE A 385 33.13 33.52 -50.29
N GLU A 386 32.42 32.70 -51.09
CA GLU A 386 30.97 32.78 -51.14
C GLU A 386 30.31 32.08 -49.94
N THR A 387 30.88 30.95 -49.48
CA THR A 387 30.35 30.22 -48.32
C THR A 387 31.48 29.85 -47.37
N VAL A 388 31.24 29.96 -46.06
CA VAL A 388 32.19 29.51 -45.04
C VAL A 388 31.50 28.45 -44.18
N ILE A 389 32.06 27.25 -44.14
CA ILE A 389 31.52 26.14 -43.36
C ILE A 389 32.41 25.87 -42.15
N PHE A 390 31.83 25.90 -40.96
CA PHE A 390 32.57 25.58 -39.73
C PHE A 390 32.36 24.11 -39.39
N ALA A 391 33.48 23.35 -39.27
CA ALA A 391 33.50 21.96 -38.83
C ALA A 391 34.60 21.81 -37.77
N VAL A 392 34.37 22.41 -36.60
CA VAL A 392 35.38 22.50 -35.55
C VAL A 392 34.93 21.75 -34.28
N GLY A 393 34.18 20.66 -34.46
CA GLY A 393 33.75 19.82 -33.36
C GLY A 393 32.27 19.95 -33.06
N ARG A 394 31.81 19.05 -32.17
CA ARG A 394 30.41 18.91 -31.80
C ARG A 394 30.32 18.73 -30.29
N GLU A 395 29.23 19.19 -29.69
CA GLU A 395 29.09 19.11 -28.24
C GLU A 395 27.65 18.88 -27.82
N PRO A 396 27.42 18.25 -26.67
CA PRO A 396 26.06 18.18 -26.14
C PRO A 396 25.74 19.46 -25.39
N GLN A 397 24.46 19.65 -25.09
CA GLN A 397 24.08 20.77 -24.25
C GLN A 397 23.08 20.22 -23.22
N LEU A 398 23.58 19.43 -22.26
CA LEU A 398 22.69 18.75 -21.34
C LEU A 398 22.12 19.69 -20.27
N SER A 399 22.67 20.90 -20.11
CA SER A 399 22.04 21.93 -19.29
C SER A 399 20.89 22.56 -20.07
N LYS A 400 19.95 21.72 -20.46
CA LYS A 400 18.85 22.04 -21.37
C LYS A 400 17.93 20.84 -21.32
N VAL A 401 18.54 19.68 -21.06
CA VAL A 401 17.82 18.42 -20.93
C VAL A 401 17.66 17.99 -19.47
N LEU A 402 18.46 18.53 -18.56
CA LEU A 402 18.77 17.82 -17.32
C LEU A 402 18.98 18.83 -16.20
N CYS A 403 18.03 18.90 -15.27
CA CYS A 403 18.19 19.78 -14.10
C CYS A 403 19.30 19.26 -13.20
N GLU A 404 20.13 20.19 -12.71
CA GLU A 404 21.28 19.81 -11.90
C GLU A 404 20.88 19.10 -10.62
N THR A 405 19.67 19.36 -10.11
CA THR A 405 19.24 18.74 -8.86
C THR A 405 18.92 17.26 -9.01
N VAL A 406 18.79 16.74 -10.24
CA VAL A 406 18.48 15.32 -10.41
C VAL A 406 19.64 14.45 -9.93
N GLY A 407 20.87 14.92 -10.06
CA GLY A 407 22.01 14.17 -9.58
C GLY A 407 22.72 13.31 -10.61
N VAL A 408 22.51 13.55 -11.90
CA VAL A 408 23.19 12.80 -12.95
C VAL A 408 24.56 13.41 -13.17
N LYS A 409 25.61 12.60 -13.00
CA LYS A 409 26.99 13.06 -13.05
C LYS A 409 27.46 13.24 -14.49
N LEU A 410 28.10 14.38 -14.77
CA LEU A 410 28.68 14.71 -16.07
C LEU A 410 30.19 14.83 -15.93
N ASP A 411 30.91 14.56 -17.02
CA ASP A 411 32.36 14.76 -17.03
C ASP A 411 32.69 16.20 -17.43
N LYS A 412 33.98 16.49 -17.59
CA LYS A 412 34.45 17.85 -17.89
C LYS A 412 34.02 18.34 -19.28
N ASN A 413 33.68 17.43 -20.20
CA ASN A 413 33.21 17.81 -21.52
C ASN A 413 31.69 17.81 -21.61
N GLY A 414 31.00 17.66 -20.50
CA GLY A 414 29.55 17.70 -20.50
C GLY A 414 28.86 16.44 -20.95
N ARG A 415 29.55 15.29 -20.99
CA ARG A 415 28.90 14.02 -21.33
C ARG A 415 28.63 13.18 -20.07
N VAL A 416 27.69 12.25 -20.18
CA VAL A 416 27.18 11.50 -19.03
C VAL A 416 28.12 10.35 -18.69
N VAL A 417 28.53 10.27 -17.42
CA VAL A 417 29.40 9.20 -16.92
C VAL A 417 28.54 7.98 -16.59
N CYS A 418 28.81 6.83 -17.23
CA CYS A 418 27.95 5.66 -17.12
C CYS A 418 28.74 4.41 -16.70
N THR A 419 28.02 3.44 -16.13
CA THR A 419 28.57 2.11 -15.95
C THR A 419 28.68 1.38 -17.30
N ASP A 420 29.27 0.20 -17.28
CA ASP A 420 29.34 -0.58 -18.51
C ASP A 420 27.98 -1.17 -18.94
N ASP A 421 26.90 -0.94 -18.19
CA ASP A 421 25.57 -1.27 -18.70
C ASP A 421 24.71 0.00 -18.89
N GLU A 422 25.38 1.14 -19.13
CA GLU A 422 24.77 2.42 -19.48
C GLU A 422 24.04 3.11 -18.33
N GLN A 423 24.16 2.61 -17.10
CA GLN A 423 23.50 3.23 -15.95
C GLN A 423 24.25 4.49 -15.50
N THR A 424 23.49 5.57 -15.23
CA THR A 424 24.05 6.82 -14.70
C THR A 424 24.17 6.74 -13.18
N THR A 425 24.44 7.87 -12.51
CA THR A 425 24.50 7.89 -11.05
C THR A 425 23.12 7.84 -10.40
N VAL A 426 22.06 7.87 -11.21
CA VAL A 426 20.67 7.75 -10.74
C VAL A 426 20.11 6.42 -11.25
N SER A 427 19.53 5.61 -10.35
CA SER A 427 19.40 4.17 -10.60
C SER A 427 18.50 3.84 -11.79
N ASN A 428 17.45 4.64 -12.02
CA ASN A 428 16.49 4.36 -13.08
C ASN A 428 16.79 5.12 -14.39
N VAL A 429 17.89 5.86 -14.46
CA VAL A 429 18.21 6.73 -15.59
C VAL A 429 19.45 6.20 -16.31
N TYR A 430 19.37 6.08 -17.63
CA TYR A 430 20.42 5.51 -18.47
C TYR A 430 20.74 6.48 -19.60
N ALA A 431 21.93 6.33 -20.22
CA ALA A 431 22.30 7.20 -21.33
C ALA A 431 22.97 6.40 -22.44
N ILE A 432 22.62 6.71 -23.72
CA ILE A 432 23.17 6.00 -24.88
C ILE A 432 23.58 7.00 -25.96
N GLY A 433 24.42 6.53 -26.89
CA GLY A 433 24.77 7.35 -28.06
C GLY A 433 25.91 8.30 -27.78
N ASP A 434 25.93 9.42 -28.54
CA ASP A 434 27.06 10.34 -28.46
C ASP A 434 27.26 10.96 -27.07
N ILE A 435 26.20 11.08 -26.25
CA ILE A 435 26.37 11.71 -24.95
C ILE A 435 26.93 10.78 -23.88
N ASN A 436 27.15 9.50 -24.20
CA ASN A 436 27.75 8.55 -23.25
C ASN A 436 29.26 8.76 -23.25
N ALA A 437 29.81 9.23 -22.12
CA ALA A 437 31.22 9.63 -22.05
C ALA A 437 32.17 8.48 -22.41
N GLY A 438 33.17 8.79 -23.25
CA GLY A 438 34.25 7.85 -23.53
C GLY A 438 33.98 6.82 -24.62
N LYS A 439 32.72 6.74 -25.17
CA LYS A 439 32.38 5.72 -26.17
C LYS A 439 32.56 6.26 -27.59
N PRO A 440 32.88 5.38 -28.55
CA PRO A 440 32.91 5.82 -29.96
C PRO A 440 31.58 6.42 -30.38
N GLN A 441 31.65 7.52 -31.11
CA GLN A 441 30.46 8.31 -31.45
C GLN A 441 30.01 7.96 -32.87
N LEU A 442 29.29 6.84 -32.99
CA LEU A 442 28.95 6.23 -34.28
C LEU A 442 27.51 5.74 -34.25
N THR A 443 26.81 5.84 -35.38
CA THR A 443 25.42 5.37 -35.43
C THR A 443 25.24 3.89 -35.07
N PRO A 444 26.03 2.94 -35.59
CA PRO A 444 25.78 1.53 -35.22
C PRO A 444 26.05 1.23 -33.77
N VAL A 445 26.95 1.98 -33.11
CA VAL A 445 27.19 1.81 -31.68
C VAL A 445 25.95 2.23 -30.88
N ALA A 446 25.37 3.39 -31.23
CA ALA A 446 24.19 3.88 -30.50
C ALA A 446 23.01 2.91 -30.66
N ILE A 447 22.86 2.34 -31.86
CA ILE A 447 21.77 1.40 -32.13
C ILE A 447 21.93 0.11 -31.32
N GLN A 448 23.14 -0.47 -31.33
CA GLN A 448 23.39 -1.68 -30.54
C GLN A 448 23.22 -1.40 -29.05
N ALA A 449 23.75 -0.28 -28.57
CA ALA A 449 23.57 0.04 -27.15
C ALA A 449 22.10 0.17 -26.78
N GLY A 450 21.31 0.84 -27.63
CA GLY A 450 19.90 1.03 -27.33
C GLY A 450 19.11 -0.28 -27.33
N ARG A 451 19.38 -1.15 -28.31
CA ARG A 451 18.65 -2.42 -28.40
C ARG A 451 19.03 -3.34 -27.24
N TYR A 452 20.33 -3.45 -26.95
CA TYR A 452 20.77 -4.36 -25.90
C TYR A 452 20.29 -3.87 -24.53
N LEU A 453 20.25 -2.55 -24.33
CA LEU A 453 19.75 -2.03 -23.05
C LEU A 453 18.27 -2.35 -22.87
N ALA A 454 17.46 -2.12 -23.91
CA ALA A 454 16.03 -2.44 -23.80
C ALA A 454 15.81 -3.90 -23.44
N ARG A 455 16.64 -4.80 -23.96
CA ARG A 455 16.50 -6.22 -23.65
C ARG A 455 16.84 -6.51 -22.18
N ARG A 456 17.85 -5.82 -21.63
CA ARG A 456 18.20 -6.04 -20.23
C ARG A 456 17.13 -5.49 -19.30
N LEU A 457 16.55 -4.32 -19.63
CA LEU A 457 15.52 -3.73 -18.78
C LEU A 457 14.22 -4.52 -18.78
N PHE A 458 13.78 -4.99 -19.96
CA PHE A 458 12.42 -5.50 -20.08
C PHE A 458 12.30 -6.97 -20.47
N ALA A 459 13.41 -7.67 -20.75
CA ALA A 459 13.32 -9.08 -21.13
C ALA A 459 14.33 -9.96 -20.39
N GLY A 460 14.95 -9.47 -19.30
CA GLY A 460 15.83 -10.29 -18.51
C GLY A 460 17.14 -10.66 -19.15
N ALA A 461 17.57 -9.94 -20.18
CA ALA A 461 18.83 -10.26 -20.82
C ALA A 461 20.01 -9.81 -19.95
N THR A 462 21.18 -10.40 -20.20
CA THR A 462 22.40 -10.03 -19.49
C THR A 462 23.48 -9.45 -20.39
N GLU A 463 23.35 -9.58 -21.70
CA GLU A 463 24.46 -9.25 -22.59
C GLU A 463 24.67 -7.75 -22.69
N LEU A 464 25.93 -7.35 -22.62
CA LEU A 464 26.38 -5.96 -22.71
C LEU A 464 26.84 -5.64 -24.13
N THR A 465 26.85 -4.34 -24.45
CA THR A 465 27.46 -3.86 -25.70
C THR A 465 28.98 -3.87 -25.57
N ASP A 466 29.67 -4.34 -26.63
CA ASP A 466 31.14 -4.39 -26.65
C ASP A 466 31.63 -3.20 -27.45
N TYR A 467 32.32 -2.26 -26.77
CA TYR A 467 32.78 -1.04 -27.42
C TYR A 467 34.23 -1.11 -27.93
N SER A 468 34.91 -2.26 -27.86
CA SER A 468 36.31 -2.33 -28.28
C SER A 468 36.45 -2.72 -29.74
N ASN A 469 37.48 -2.17 -30.40
CA ASN A 469 37.83 -2.52 -31.78
C ASN A 469 36.66 -2.33 -32.76
N VAL A 470 35.92 -1.23 -32.59
CA VAL A 470 34.81 -0.91 -33.49
C VAL A 470 35.39 -0.27 -34.75
N ALA A 471 35.08 -0.84 -35.92
CA ALA A 471 35.68 -0.33 -37.15
C ALA A 471 34.98 0.97 -37.60
N THR A 472 35.71 1.75 -38.41
CA THR A 472 35.30 3.07 -38.91
C THR A 472 35.62 3.18 -40.39
N THR A 473 34.95 4.12 -41.07
CA THR A 473 35.37 4.50 -42.42
C THR A 473 35.15 6.00 -42.61
N VAL A 474 36.18 6.68 -43.13
CA VAL A 474 36.12 8.08 -43.52
C VAL A 474 35.86 8.15 -45.02
N PHE A 475 34.75 8.77 -45.41
CA PHE A 475 34.33 8.72 -46.81
C PHE A 475 34.82 9.94 -47.58
N THR A 476 36.15 10.13 -47.54
CA THR A 476 36.84 11.11 -48.38
C THR A 476 36.91 10.62 -49.83
N PRO A 477 37.30 11.50 -50.79
CA PRO A 477 37.30 11.07 -52.20
C PRO A 477 37.98 9.72 -52.45
N LEU A 478 39.13 9.46 -51.83
CA LEU A 478 39.65 8.11 -51.65
C LEU A 478 39.39 7.70 -50.21
N GLU A 479 38.64 6.61 -50.00
CA GLU A 479 38.09 6.28 -48.70
C GLU A 479 39.15 5.64 -47.80
N TYR A 480 38.98 5.79 -46.47
CA TYR A 480 39.93 5.27 -45.49
C TYR A 480 39.19 4.45 -44.42
N GLY A 481 39.43 3.14 -44.40
CA GLY A 481 38.82 2.23 -43.42
C GLY A 481 39.84 1.77 -42.39
N ALA A 482 39.41 1.61 -41.14
CA ALA A 482 40.30 1.19 -40.06
C ALA A 482 39.56 0.36 -39.03
N CYS A 483 40.30 -0.56 -38.39
CA CYS A 483 39.79 -1.32 -37.25
C CYS A 483 40.94 -1.57 -36.29
N GLY A 484 40.85 -1.04 -35.06
CA GLY A 484 41.85 -1.30 -34.04
C GLY A 484 42.79 -0.13 -33.80
N LEU A 485 44.01 -0.42 -33.33
CA LEU A 485 44.93 0.65 -32.96
C LEU A 485 45.61 1.30 -34.18
N SER A 486 45.91 2.59 -34.04
CA SER A 486 46.86 3.20 -34.94
C SER A 486 48.26 2.63 -34.68
N GLU A 487 49.13 2.79 -35.66
CA GLU A 487 50.51 2.32 -35.50
C GLU A 487 51.19 3.05 -34.36
N GLU A 488 50.97 4.35 -34.22
CA GLU A 488 51.65 5.08 -33.15
C GLU A 488 51.10 4.71 -31.77
N ASP A 489 49.79 4.44 -31.65
CA ASP A 489 49.24 3.97 -30.38
C ASP A 489 49.75 2.57 -30.02
N ALA A 490 49.94 1.70 -31.01
CA ALA A 490 50.47 0.36 -30.71
C ALA A 490 51.89 0.45 -30.17
N ILE A 491 52.73 1.28 -30.79
CA ILE A 491 54.13 1.43 -30.37
C ILE A 491 54.21 2.06 -28.98
N GLU A 492 53.37 3.08 -28.72
CA GLU A 492 53.27 3.65 -27.38
C GLU A 492 53.00 2.58 -26.33
N LYS A 493 52.03 1.68 -26.61
CA LYS A 493 51.55 0.75 -25.60
C LYS A 493 52.52 -0.40 -25.35
N TYR A 494 53.20 -0.87 -26.39
CA TYR A 494 53.98 -2.10 -26.30
C TYR A 494 55.47 -1.91 -26.56
N GLY A 495 55.88 -0.75 -27.06
CA GLY A 495 57.25 -0.49 -27.44
C GLY A 495 57.55 -0.92 -28.87
N ASP A 496 58.47 -0.20 -29.50
CA ASP A 496 58.76 -0.40 -30.91
C ASP A 496 59.28 -1.81 -31.19
N LYS A 497 60.05 -2.39 -30.26
CA LYS A 497 60.64 -3.69 -30.53
C LYS A 497 59.62 -4.81 -30.55
N ASP A 498 58.43 -4.60 -29.97
CA ASP A 498 57.38 -5.62 -29.96
C ASP A 498 56.31 -5.39 -31.02
N ILE A 499 56.53 -4.47 -31.97
CA ILE A 499 55.58 -4.18 -33.03
C ILE A 499 56.23 -4.47 -34.38
N GLU A 500 55.52 -5.22 -35.22
CA GLU A 500 55.87 -5.50 -36.61
C GLU A 500 54.73 -5.01 -37.50
N VAL A 501 55.07 -4.34 -38.60
CA VAL A 501 54.06 -3.76 -39.50
C VAL A 501 54.27 -4.31 -40.90
N TYR A 502 53.25 -4.97 -41.45
CA TYR A 502 53.26 -5.46 -42.83
C TYR A 502 52.45 -4.49 -43.70
N HIS A 503 52.97 -4.15 -44.89
CA HIS A 503 52.27 -3.14 -45.68
C HIS A 503 52.54 -3.34 -47.17
N SER A 504 51.69 -2.74 -47.99
CA SER A 504 51.81 -2.79 -49.45
C SER A 504 50.98 -1.69 -50.08
N ASN A 505 51.49 -1.11 -51.17
CA ASN A 505 50.63 -0.37 -52.08
C ASN A 505 49.82 -1.35 -52.95
N PHE A 506 48.80 -0.83 -53.63
CA PHE A 506 48.06 -1.62 -54.61
C PHE A 506 47.38 -0.71 -55.61
N LYS A 507 46.95 -1.30 -56.73
CA LYS A 507 46.22 -0.58 -57.77
C LYS A 507 44.95 -1.36 -58.11
N PRO A 508 43.77 -0.77 -57.91
CA PRO A 508 42.54 -1.45 -58.33
C PRO A 508 42.60 -1.77 -59.82
N LEU A 509 42.09 -2.96 -60.19
CA LEU A 509 42.08 -3.34 -61.60
C LEU A 509 41.25 -2.36 -62.43
N GLU A 510 40.17 -1.81 -61.84
CA GLU A 510 39.37 -0.79 -62.49
C GLU A 510 40.15 0.46 -62.88
N TRP A 511 41.28 0.72 -62.23
CA TRP A 511 42.06 1.92 -62.49
C TRP A 511 43.06 1.76 -63.63
N THR A 512 43.27 0.55 -64.13
CA THR A 512 44.30 0.32 -65.13
C THR A 512 43.90 0.93 -66.47
N VAL A 513 42.79 0.46 -67.05
CA VAL A 513 42.33 0.99 -68.33
C VAL A 513 41.99 2.48 -68.22
N ALA A 514 41.61 2.93 -67.02
CA ALA A 514 41.24 4.33 -66.80
C ALA A 514 42.44 5.24 -66.56
N HIS A 515 43.65 4.69 -66.55
CA HIS A 515 44.91 5.46 -66.44
C HIS A 515 44.99 6.28 -65.15
N ARG A 516 44.60 5.69 -64.02
CA ARG A 516 44.68 6.34 -62.72
C ARG A 516 45.98 5.91 -62.03
N GLU A 517 46.19 6.35 -60.78
CA GLU A 517 47.51 6.30 -60.15
C GLU A 517 47.97 4.89 -59.75
N ASP A 518 49.28 4.64 -59.87
CA ASP A 518 49.84 3.30 -59.66
C ASP A 518 50.01 2.95 -58.18
N ASN A 519 50.45 3.92 -57.35
CA ASN A 519 50.92 3.61 -55.99
C ASN A 519 50.35 4.61 -54.98
N VAL A 520 49.05 4.87 -55.05
CA VAL A 520 48.39 5.74 -54.07
C VAL A 520 47.61 4.93 -53.05
N CYS A 521 46.87 3.92 -53.50
CA CYS A 521 46.18 3.04 -52.57
C CYS A 521 47.20 2.26 -51.73
N TYR A 522 46.84 1.98 -50.48
CA TYR A 522 47.79 1.53 -49.47
C TYR A 522 47.07 0.74 -48.38
N MET A 523 47.75 -0.26 -47.82
CA MET A 523 47.19 -1.01 -46.69
C MET A 523 48.29 -1.54 -45.78
N LYS A 524 47.96 -1.71 -44.50
CA LYS A 524 48.93 -2.23 -43.54
C LYS A 524 48.24 -2.95 -42.38
N LEU A 525 48.97 -3.90 -41.77
CA LEU A 525 48.57 -4.60 -40.56
C LEU A 525 49.63 -4.32 -39.49
N VAL A 526 49.17 -3.86 -38.33
CA VAL A 526 50.02 -3.55 -37.18
C VAL A 526 49.91 -4.71 -36.19
N CYS A 527 51.02 -5.43 -35.93
CA CYS A 527 50.94 -6.68 -35.18
C CYS A 527 51.87 -6.69 -33.95
N ARG A 528 51.52 -7.54 -32.97
CA ARG A 528 52.29 -7.70 -31.74
C ARG A 528 53.12 -8.99 -31.77
N LYS A 529 54.45 -8.84 -31.81
CA LYS A 529 55.34 -10.00 -31.97
C LYS A 529 55.17 -10.99 -30.83
N SER A 530 55.24 -10.53 -29.58
CA SER A 530 55.23 -11.45 -28.45
C SER A 530 53.88 -12.14 -28.23
N ASP A 531 52.83 -11.77 -28.96
CA ASP A 531 51.53 -12.41 -28.79
C ASP A 531 51.12 -13.12 -30.07
N ASN A 532 52.03 -13.96 -30.59
CA ASN A 532 51.78 -14.76 -31.80
C ASN A 532 51.43 -13.89 -33.01
N MET A 533 52.01 -12.69 -33.08
CA MET A 533 51.77 -11.76 -34.19
C MET A 533 50.27 -11.43 -34.33
N ARG A 534 49.63 -11.17 -33.18
CA ARG A 534 48.23 -10.74 -33.12
C ARG A 534 48.04 -9.44 -33.91
N VAL A 535 46.95 -9.37 -34.68
CA VAL A 535 46.65 -8.14 -35.43
C VAL A 535 46.02 -7.13 -34.46
N LEU A 536 46.76 -6.04 -34.18
CA LEU A 536 46.28 -4.97 -33.30
C LEU A 536 45.50 -3.90 -34.05
N GLY A 537 45.81 -3.67 -35.32
CA GLY A 537 45.12 -2.67 -36.12
C GLY A 537 45.24 -2.96 -37.61
N LEU A 538 44.17 -2.70 -38.35
CA LEU A 538 44.10 -2.85 -39.80
C LEU A 538 43.74 -1.50 -40.41
N HIS A 539 44.41 -1.12 -41.52
CA HIS A 539 44.23 0.19 -42.15
C HIS A 539 44.24 0.03 -43.67
N VAL A 540 43.28 0.65 -44.37
CA VAL A 540 43.24 0.57 -45.83
C VAL A 540 42.75 1.90 -46.42
N LEU A 541 43.48 2.38 -47.43
CA LEU A 541 43.10 3.55 -48.23
C LEU A 541 42.83 3.07 -49.65
N GLY A 542 41.58 3.20 -50.13
CA GLY A 542 41.22 2.81 -51.48
C GLY A 542 39.71 2.84 -51.71
N PRO A 543 39.26 2.50 -52.90
CA PRO A 543 37.81 2.50 -53.18
C PRO A 543 37.09 1.46 -52.34
N ASN A 544 35.82 1.77 -52.00
CA ASN A 544 34.95 0.85 -51.24
C ASN A 544 35.60 0.38 -49.95
N ALA A 545 36.31 1.28 -49.25
CA ALA A 545 37.08 0.86 -48.07
C ALA A 545 36.19 0.37 -46.94
N GLY A 546 34.95 0.85 -46.85
CA GLY A 546 34.08 0.35 -45.80
C GLY A 546 33.63 -1.07 -46.06
N GLU A 547 33.30 -1.39 -47.31
CA GLU A 547 33.00 -2.79 -47.67
C GLU A 547 34.21 -3.69 -47.40
N ILE A 548 35.41 -3.23 -47.77
CA ILE A 548 36.63 -4.02 -47.53
C ILE A 548 36.80 -4.30 -46.04
N THR A 549 36.66 -3.27 -45.20
CA THR A 549 37.06 -3.37 -43.79
C THR A 549 36.09 -4.22 -42.97
N GLN A 550 34.78 -4.16 -43.28
CA GLN A 550 33.76 -4.68 -42.35
C GLN A 550 34.02 -6.13 -41.95
N GLY A 551 34.27 -7.01 -42.93
CA GLY A 551 34.37 -8.43 -42.63
C GLY A 551 35.55 -8.77 -41.72
N TYR A 552 36.68 -8.08 -41.92
CA TYR A 552 37.85 -8.26 -41.05
C TYR A 552 37.58 -7.87 -39.60
N ALA A 553 36.62 -6.97 -39.34
CA ALA A 553 36.28 -6.61 -37.96
C ALA A 553 35.80 -7.81 -37.16
N VAL A 554 35.13 -8.77 -37.80
CA VAL A 554 34.75 -10.00 -37.10
C VAL A 554 35.99 -10.81 -36.73
N ALA A 555 36.94 -10.94 -37.66
CA ALA A 555 38.15 -11.70 -37.37
C ALA A 555 38.97 -11.05 -36.24
N ILE A 556 39.06 -9.72 -36.26
CA ILE A 556 39.79 -9.03 -35.20
C ILE A 556 39.09 -9.19 -33.84
N LYS A 557 37.76 -9.14 -33.82
CA LYS A 557 37.02 -9.39 -32.57
C LYS A 557 37.38 -10.76 -31.99
N MET A 558 37.69 -11.70 -32.88
CA MET A 558 37.92 -13.12 -32.63
C MET A 558 39.38 -13.37 -32.25
N GLY A 559 40.21 -12.33 -32.32
CA GLY A 559 41.65 -12.42 -32.03
C GLY A 559 42.55 -12.87 -33.16
N ALA A 560 42.27 -12.42 -34.40
CA ALA A 560 43.05 -12.88 -35.55
C ALA A 560 44.54 -12.58 -35.40
N THR A 561 45.38 -13.49 -35.89
CA THR A 561 46.82 -13.31 -35.98
C THR A 561 47.22 -13.16 -37.45
N LYS A 562 48.49 -12.77 -37.67
CA LYS A 562 49.00 -12.71 -39.04
C LYS A 562 48.87 -14.07 -39.73
N ALA A 563 49.05 -15.17 -38.99
CA ALA A 563 48.95 -16.50 -39.60
C ALA A 563 47.53 -16.79 -40.09
N ASP A 564 46.51 -16.27 -39.41
CA ASP A 564 45.13 -16.47 -39.86
C ASP A 564 44.89 -15.77 -41.21
N PHE A 565 45.45 -14.57 -41.38
CA PHE A 565 45.40 -13.90 -42.68
C PHE A 565 46.15 -14.67 -43.76
N ASP A 566 47.31 -15.25 -43.40
CA ASP A 566 48.14 -15.95 -44.37
C ASP A 566 47.48 -17.23 -44.88
N ARG A 567 46.82 -17.97 -43.98
CA ARG A 567 46.25 -19.24 -44.38
C ARG A 567 44.91 -19.09 -45.12
N THR A 568 44.25 -17.93 -45.00
CA THR A 568 43.03 -17.65 -45.76
C THR A 568 43.37 -17.27 -47.19
N ILE A 569 42.60 -17.81 -48.17
CA ILE A 569 42.88 -17.60 -49.60
C ILE A 569 42.13 -16.37 -50.10
N GLY A 570 42.76 -15.62 -51.04
CA GLY A 570 42.13 -14.42 -51.58
C GLY A 570 41.06 -14.71 -52.64
N ILE A 571 40.16 -13.73 -52.82
CA ILE A 571 39.22 -13.67 -53.95
C ILE A 571 39.80 -12.76 -55.03
N HIS A 572 39.90 -13.26 -56.27
CA HIS A 572 40.53 -12.55 -57.40
C HIS A 572 39.55 -12.30 -58.53
N PRO A 573 39.55 -11.09 -59.15
CA PRO A 573 40.36 -9.91 -58.80
C PRO A 573 39.62 -8.97 -57.84
N THR A 574 40.20 -8.64 -56.67
CA THR A 574 39.62 -7.65 -55.74
C THR A 574 40.74 -6.81 -55.14
N CYS A 575 40.35 -5.65 -54.59
CA CYS A 575 41.28 -4.90 -53.74
C CYS A 575 41.54 -5.64 -52.43
N SER A 576 40.49 -6.20 -51.80
CA SER A 576 40.64 -6.72 -50.45
C SER A 576 41.64 -7.89 -50.38
N GLU A 577 41.80 -8.65 -51.46
CA GLU A 577 42.66 -9.85 -51.42
C GLU A 577 44.10 -9.52 -51.07
N THR A 578 44.53 -8.27 -51.29
CA THR A 578 45.91 -7.90 -50.97
C THR A 578 46.23 -8.13 -49.49
N PHE A 579 45.22 -8.13 -48.61
CA PHE A 579 45.45 -8.41 -47.20
C PHE A 579 45.87 -9.88 -46.94
N THR A 580 45.65 -10.80 -47.88
CA THR A 580 45.90 -12.22 -47.63
C THR A 580 47.31 -12.66 -47.98
N THR A 581 48.12 -11.79 -48.60
CA THR A 581 49.47 -12.17 -49.01
C THR A 581 50.53 -11.13 -48.63
N LEU A 582 50.25 -10.29 -47.63
CA LEU A 582 51.22 -9.27 -47.21
C LEU A 582 52.50 -9.93 -46.72
N HIS A 583 53.65 -9.31 -47.05
CA HIS A 583 54.93 -9.88 -46.64
C HIS A 583 56.04 -8.85 -46.35
N VAL A 584 55.96 -7.65 -46.91
CA VAL A 584 56.98 -6.62 -46.67
C VAL A 584 56.77 -5.99 -45.30
N THR A 585 57.79 -6.04 -44.42
CA THR A 585 57.74 -5.36 -43.13
C THR A 585 58.39 -3.98 -43.23
N LYS A 586 57.95 -3.07 -42.35
CA LYS A 586 58.56 -1.73 -42.31
C LYS A 586 60.01 -1.80 -41.82
N LYS A 587 60.30 -2.70 -40.89
CA LYS A 587 61.67 -2.79 -40.39
C LYS A 587 62.64 -3.35 -41.42
N SER A 588 62.17 -4.08 -42.44
CA SER A 588 63.07 -4.52 -43.50
C SER A 588 63.55 -3.36 -44.36
N GLY A 589 62.83 -2.23 -44.35
CA GLY A 589 63.15 -1.13 -45.22
C GLY A 589 62.88 -1.35 -46.69
N VAL A 590 62.28 -2.48 -47.08
CA VAL A 590 61.98 -2.74 -48.48
C VAL A 590 60.79 -1.89 -48.91
N SER A 591 60.82 -1.42 -50.17
CA SER A 591 59.76 -0.54 -50.67
C SER A 591 58.42 -1.26 -50.74
N PRO A 592 57.33 -0.61 -50.34
CA PRO A 592 56.00 -1.25 -50.47
C PRO A 592 55.36 -1.10 -51.84
N ILE A 593 56.02 -0.46 -52.80
CA ILE A 593 55.40 -0.24 -54.12
C ILE A 593 55.24 -1.57 -54.85
N VAL A 594 54.26 -1.62 -55.74
CA VAL A 594 53.98 -2.83 -56.51
C VAL A 594 54.09 -2.53 -58.00
N GLY B 7 -27.90 -26.66 63.64
CA GLY B 7 -28.24 -25.79 62.52
C GLY B 7 -29.64 -26.00 61.97
N THR B 8 -30.14 -27.23 62.09
CA THR B 8 -31.42 -27.56 61.48
C THR B 8 -32.57 -26.79 62.11
N SER B 9 -32.54 -26.60 63.43
CA SER B 9 -33.66 -25.99 64.11
C SER B 9 -33.73 -24.48 63.90
N GLN B 10 -32.59 -23.79 63.86
CA GLN B 10 -32.62 -22.36 63.55
C GLN B 10 -32.93 -22.09 62.08
N TRP B 11 -32.67 -23.04 61.18
CA TRP B 11 -33.07 -22.86 59.78
C TRP B 11 -34.59 -22.93 59.64
N LEU B 12 -35.21 -23.97 60.20
CA LEU B 12 -36.66 -24.14 60.08
C LEU B 12 -37.39 -22.96 60.71
N ARG B 13 -36.89 -22.48 61.85
CA ARG B 13 -37.42 -21.27 62.47
C ARG B 13 -37.42 -20.10 61.49
N LYS B 14 -36.30 -19.90 60.79
CA LYS B 14 -36.17 -18.75 59.89
C LYS B 14 -37.05 -18.92 58.66
N THR B 15 -37.19 -20.15 58.18
CA THR B 15 -38.01 -20.43 57.01
C THR B 15 -39.50 -20.22 57.29
N VAL B 16 -39.97 -20.69 58.44
CA VAL B 16 -41.39 -20.57 58.76
C VAL B 16 -41.75 -19.11 59.03
N ASP B 17 -40.87 -18.37 59.70
CA ASP B 17 -41.17 -16.99 60.01
C ASP B 17 -41.22 -16.12 58.75
N SER B 18 -40.50 -16.51 57.70
CA SER B 18 -40.30 -15.71 56.50
C SER B 18 -41.21 -16.08 55.33
N ALA B 19 -41.50 -17.36 55.14
CA ALA B 19 -42.32 -17.76 54.00
C ALA B 19 -43.72 -17.18 54.11
N ALA B 20 -44.32 -16.89 52.94
CA ALA B 20 -45.69 -16.38 52.93
C ALA B 20 -46.70 -17.52 52.99
N VAL B 21 -46.50 -18.54 52.16
CA VAL B 21 -47.30 -19.76 52.14
C VAL B 21 -46.36 -20.91 51.77
N ILE B 22 -46.23 -21.90 52.65
CA ILE B 22 -45.28 -22.99 52.40
C ILE B 22 -45.90 -24.32 52.85
N LEU B 23 -45.66 -25.36 52.07
CA LEU B 23 -46.21 -26.69 52.31
C LEU B 23 -45.05 -27.66 52.48
N PHE B 24 -44.98 -28.31 53.63
CA PHE B 24 -44.01 -29.39 53.85
C PHE B 24 -44.64 -30.70 53.43
N SER B 25 -43.96 -31.44 52.56
CA SER B 25 -44.61 -32.50 51.78
C SER B 25 -43.64 -33.67 51.58
N LYS B 26 -44.17 -34.74 50.99
CA LYS B 26 -43.39 -35.85 50.47
C LYS B 26 -43.96 -36.24 49.12
N THR B 27 -43.07 -36.68 48.21
CA THR B 27 -43.49 -36.95 46.85
C THR B 27 -44.36 -38.20 46.75
N THR B 28 -44.20 -39.14 47.68
CA THR B 28 -44.89 -40.42 47.63
C THR B 28 -46.25 -40.42 48.33
N CYS B 29 -46.62 -39.30 48.97
CA CYS B 29 -47.81 -39.29 49.81
C CYS B 29 -49.04 -38.87 48.99
N PRO B 30 -50.08 -39.71 48.92
CA PRO B 30 -51.32 -39.27 48.25
C PRO B 30 -52.09 -38.23 49.04
N TYR B 31 -51.95 -38.21 50.37
CA TYR B 31 -52.56 -37.14 51.16
C TYR B 31 -51.94 -35.80 50.81
N CYS B 32 -50.65 -35.78 50.50
CA CYS B 32 -50.00 -34.55 50.06
C CYS B 32 -50.55 -34.11 48.70
N LYS B 33 -50.67 -35.05 47.77
CA LYS B 33 -51.21 -34.73 46.45
C LYS B 33 -52.57 -34.06 46.56
N LYS B 34 -53.44 -34.60 47.42
CA LYS B 34 -54.79 -34.06 47.54
C LYS B 34 -54.77 -32.60 48.00
N VAL B 35 -53.83 -32.25 48.88
CA VAL B 35 -53.74 -30.87 49.35
C VAL B 35 -53.18 -29.96 48.26
N LYS B 36 -52.22 -30.46 47.48
CA LYS B 36 -51.67 -29.65 46.40
C LYS B 36 -52.76 -29.28 45.39
N ASP B 37 -53.57 -30.25 44.98
CA ASP B 37 -54.61 -29.99 43.99
C ASP B 37 -55.68 -29.04 44.53
N VAL B 38 -55.93 -29.06 45.84
CA VAL B 38 -56.89 -28.13 46.42
C VAL B 38 -56.35 -26.70 46.35
N LEU B 39 -55.06 -26.52 46.64
CA LEU B 39 -54.45 -25.19 46.57
C LEU B 39 -54.33 -24.70 45.13
N ALA B 40 -54.09 -25.61 44.18
CA ALA B 40 -54.06 -25.22 42.78
C ALA B 40 -55.42 -24.76 42.29
N GLU B 41 -56.46 -25.56 42.54
CA GLU B 41 -57.83 -25.18 42.19
C GLU B 41 -58.19 -23.81 42.77
N ALA B 42 -57.74 -23.53 43.99
CA ALA B 42 -58.01 -22.26 44.64
C ALA B 42 -57.10 -21.12 44.13
N LYS B 43 -56.18 -21.43 43.21
CA LYS B 43 -55.24 -20.44 42.67
C LYS B 43 -54.40 -19.81 43.77
N ILE B 44 -54.04 -20.62 44.77
CA ILE B 44 -53.17 -20.18 45.85
C ILE B 44 -51.77 -20.69 45.54
N LYS B 45 -50.83 -19.77 45.34
CA LYS B 45 -49.44 -20.11 45.07
C LYS B 45 -48.69 -20.31 46.38
N HIS B 46 -47.65 -21.15 46.34
CA HIS B 46 -46.98 -21.52 47.58
C HIS B 46 -45.64 -22.20 47.28
N ALA B 47 -44.72 -22.12 48.24
CA ALA B 47 -43.50 -22.90 48.21
C ALA B 47 -43.76 -24.31 48.74
N THR B 48 -42.90 -25.25 48.36
CA THR B 48 -43.01 -26.64 48.78
C THR B 48 -41.62 -27.17 49.16
N ILE B 49 -41.56 -27.90 50.27
CA ILE B 49 -40.34 -28.58 50.72
C ILE B 49 -40.65 -30.07 50.78
N GLU B 50 -40.06 -30.84 49.87
CA GLU B 50 -40.24 -32.29 49.84
C GLU B 50 -39.18 -32.93 50.75
N LEU B 51 -39.60 -33.38 51.93
CA LEU B 51 -38.63 -33.92 52.88
C LEU B 51 -38.06 -35.26 52.43
N ASP B 52 -38.79 -36.02 51.61
CA ASP B 52 -38.29 -37.30 51.11
C ASP B 52 -37.28 -37.09 49.99
N GLN B 53 -36.71 -35.89 49.92
CA GLN B 53 -35.66 -35.57 48.95
C GLN B 53 -34.51 -34.80 49.60
N LEU B 54 -34.50 -34.66 50.92
CA LEU B 54 -33.45 -33.95 51.63
C LEU B 54 -32.66 -34.92 52.49
N SER B 55 -31.38 -34.59 52.73
CA SER B 55 -30.53 -35.40 53.57
C SER B 55 -31.13 -35.54 54.97
N ASN B 56 -31.19 -34.45 55.73
CA ASN B 56 -31.75 -34.48 57.07
C ASN B 56 -33.25 -34.24 57.09
N GLY B 57 -33.98 -34.81 56.11
CA GLY B 57 -35.42 -34.65 56.09
C GLY B 57 -36.13 -35.30 57.26
N SER B 58 -35.57 -36.39 57.80
CA SER B 58 -36.19 -37.04 58.95
C SER B 58 -36.10 -36.17 60.19
N ALA B 59 -34.99 -35.45 60.36
CA ALA B 59 -34.86 -34.58 61.53
C ALA B 59 -35.75 -33.35 61.41
N ILE B 60 -35.95 -32.84 60.19
CA ILE B 60 -36.82 -31.68 60.00
C ILE B 60 -38.26 -32.06 60.31
N GLN B 61 -38.70 -33.22 59.80
CA GLN B 61 -40.05 -33.70 60.07
C GLN B 61 -40.37 -33.68 61.55
N LYS B 62 -39.40 -34.06 62.38
CA LYS B 62 -39.62 -34.05 63.83
C LYS B 62 -39.58 -32.63 64.39
N CYS B 63 -38.74 -31.76 63.84
CA CYS B 63 -38.70 -30.38 64.29
C CYS B 63 -39.97 -29.61 63.97
N LEU B 64 -40.74 -30.06 62.98
CA LEU B 64 -42.00 -29.41 62.65
C LEU B 64 -42.98 -29.45 63.82
N ALA B 65 -42.86 -30.48 64.68
CA ALA B 65 -43.77 -30.60 65.81
C ALA B 65 -43.62 -29.46 66.83
N SER B 66 -42.49 -28.75 66.82
CA SER B 66 -42.35 -27.60 67.71
C SER B 66 -43.27 -26.45 67.29
N PHE B 67 -43.78 -26.47 66.06
CA PHE B 67 -44.78 -25.49 65.62
C PHE B 67 -46.19 -26.05 65.59
N SER B 68 -46.36 -27.31 65.19
CA SER B 68 -47.68 -27.87 64.89
C SER B 68 -48.13 -28.94 65.88
N LYS B 69 -47.25 -29.45 66.72
CA LYS B 69 -47.49 -30.60 67.60
C LYS B 69 -47.74 -31.90 66.83
N ILE B 70 -47.47 -31.93 65.52
CA ILE B 70 -47.56 -33.18 64.77
C ILE B 70 -46.25 -33.40 64.01
N GLU B 71 -45.89 -34.67 63.84
CA GLU B 71 -44.68 -35.08 63.14
C GLU B 71 -44.98 -35.66 61.77
N THR B 72 -46.20 -35.48 61.28
CA THR B 72 -46.67 -36.12 60.06
C THR B 72 -46.74 -35.09 58.93
N VAL B 73 -47.09 -35.57 57.74
CA VAL B 73 -46.99 -34.79 56.52
C VAL B 73 -48.24 -35.05 55.67
N PRO B 74 -48.90 -34.02 55.10
CA PRO B 74 -48.48 -32.63 54.91
C PRO B 74 -48.74 -31.68 56.07
N GLN B 75 -48.00 -30.58 56.10
CA GLN B 75 -48.24 -29.45 57.00
C GLN B 75 -48.06 -28.15 56.21
N MET B 76 -49.06 -27.28 56.26
CA MET B 76 -48.98 -26.02 55.54
C MET B 76 -49.04 -24.86 56.52
N PHE B 77 -48.24 -23.83 56.24
CA PHE B 77 -48.06 -22.65 57.08
C PHE B 77 -48.32 -21.40 56.25
N VAL B 78 -48.78 -20.34 56.91
CA VAL B 78 -49.03 -19.05 56.26
C VAL B 78 -48.45 -17.95 57.15
N ARG B 79 -47.45 -17.25 56.63
CA ARG B 79 -46.83 -16.10 57.31
C ARG B 79 -46.52 -16.40 58.78
N GLY B 80 -45.98 -17.59 59.04
CA GLY B 80 -45.47 -17.95 60.34
C GLY B 80 -46.38 -18.84 61.17
N LYS B 81 -47.64 -18.98 60.77
CA LYS B 81 -48.65 -19.69 61.56
C LYS B 81 -48.91 -21.06 60.93
N PHE B 82 -48.94 -22.10 61.77
CA PHE B 82 -49.39 -23.39 61.31
C PHE B 82 -50.89 -23.34 60.99
N ILE B 83 -51.28 -23.93 59.87
CA ILE B 83 -52.64 -23.84 59.38
C ILE B 83 -53.40 -25.16 59.54
N GLY B 84 -52.76 -26.28 59.25
CA GLY B 84 -53.40 -27.56 59.47
C GLY B 84 -52.84 -28.65 58.57
N ASP B 85 -53.39 -29.85 58.79
CA ASP B 85 -53.06 -31.04 58.01
C ASP B 85 -54.11 -31.20 56.89
N SER B 86 -54.21 -32.39 56.30
CA SER B 86 -55.07 -32.56 55.11
C SER B 86 -56.55 -32.39 55.43
N GLN B 87 -57.04 -32.97 56.54
CA GLN B 87 -58.44 -32.76 56.91
C GLN B 87 -58.70 -31.29 57.22
N THR B 88 -57.82 -30.66 58.01
CA THR B 88 -58.07 -29.28 58.43
C THR B 88 -58.07 -28.31 57.26
N VAL B 89 -57.21 -28.54 56.26
CA VAL B 89 -57.17 -27.64 55.12
C VAL B 89 -58.41 -27.79 54.26
N LEU B 90 -58.88 -29.03 54.06
CA LEU B 90 -60.11 -29.23 53.31
C LEU B 90 -61.33 -28.74 54.09
N LYS B 91 -61.26 -28.73 55.42
CA LYS B 91 -62.34 -28.12 56.21
C LYS B 91 -62.46 -26.63 55.91
N TYR B 92 -61.32 -25.93 55.91
CA TYR B 92 -61.34 -24.51 55.58
C TYR B 92 -61.82 -24.27 54.15
N TYR B 93 -61.36 -25.11 53.22
CA TYR B 93 -61.79 -25.01 51.83
C TYR B 93 -63.29 -25.25 51.68
N SER B 94 -63.82 -26.27 52.37
CA SER B 94 -65.22 -26.60 52.23
C SER B 94 -66.13 -25.53 52.81
N ASN B 95 -65.71 -24.86 53.88
CA ASN B 95 -66.47 -23.79 54.51
C ASN B 95 -66.22 -22.42 53.89
N ASP B 96 -65.51 -22.37 52.76
CA ASP B 96 -65.09 -21.11 52.14
C ASP B 96 -64.39 -20.19 53.15
N GLU B 97 -63.49 -20.79 53.93
CA GLU B 97 -62.66 -20.05 54.87
C GLU B 97 -61.21 -19.93 54.41
N LEU B 98 -60.81 -20.69 53.39
CA LEU B 98 -59.39 -20.77 53.03
C LEU B 98 -58.85 -19.44 52.54
N ALA B 99 -59.56 -18.80 51.59
CA ALA B 99 -59.06 -17.58 50.98
C ALA B 99 -58.81 -16.49 52.02
N GLY B 100 -59.69 -16.39 53.01
CA GLY B 100 -59.51 -15.39 54.05
C GLY B 100 -58.30 -15.65 54.94
N ILE B 101 -57.94 -16.92 55.10
CA ILE B 101 -56.79 -17.27 55.94
C ILE B 101 -55.48 -16.96 55.22
N VAL B 102 -55.34 -17.42 53.98
CA VAL B 102 -54.10 -17.24 53.24
C VAL B 102 -53.82 -15.78 52.93
N ASN B 103 -54.84 -14.92 52.93
CA ASN B 103 -54.69 -13.52 52.56
C ASN B 103 -54.58 -12.59 53.76
N GLU B 104 -54.63 -13.12 54.97
CA GLU B 104 -54.53 -12.26 56.14
C GLU B 104 -53.07 -11.91 56.40
N SER B 105 -52.80 -10.62 56.60
CA SER B 105 -51.45 -10.16 56.84
C SER B 105 -51.47 -8.84 57.61
N LYS B 106 -50.41 -8.63 58.40
CA LYS B 106 -50.21 -7.35 59.06
C LYS B 106 -49.95 -6.24 58.05
N TYR B 107 -49.36 -6.56 56.90
CA TYR B 107 -48.92 -5.57 55.93
C TYR B 107 -49.69 -5.66 54.62
N ASP B 108 -49.65 -4.56 53.86
CA ASP B 108 -50.24 -4.55 52.53
C ASP B 108 -49.62 -5.60 51.63
N TYR B 109 -48.29 -5.76 51.70
CA TYR B 109 -47.56 -6.66 50.80
C TYR B 109 -46.54 -7.47 51.60
N ASP B 110 -46.30 -8.71 51.16
CA ASP B 110 -45.18 -9.48 51.68
C ASP B 110 -43.84 -8.91 51.23
N LEU B 111 -43.78 -8.31 50.04
CA LEU B 111 -42.56 -7.79 49.47
C LEU B 111 -42.87 -6.51 48.71
N ILE B 112 -42.13 -5.45 49.00
CA ILE B 112 -42.09 -4.27 48.14
C ILE B 112 -40.69 -4.14 47.56
N VAL B 113 -40.59 -4.13 46.23
CA VAL B 113 -39.33 -3.89 45.52
C VAL B 113 -39.34 -2.42 45.09
N ILE B 114 -38.34 -1.65 45.51
CA ILE B 114 -38.17 -0.27 45.04
C ILE B 114 -37.17 -0.27 43.88
N GLY B 115 -37.68 -0.08 42.66
CA GLY B 115 -36.85 -0.09 41.45
C GLY B 115 -37.18 -1.24 40.53
N GLY B 116 -37.59 -0.93 39.30
CA GLY B 116 -37.98 -1.96 38.34
C GLY B 116 -36.98 -2.15 37.21
N GLY B 117 -35.72 -2.45 37.57
CA GLY B 117 -34.69 -2.77 36.60
C GLY B 117 -34.26 -4.23 36.63
N SER B 118 -33.00 -4.50 36.26
CA SER B 118 -32.54 -5.88 36.10
C SER B 118 -32.76 -6.70 37.36
N GLY B 119 -32.30 -6.21 38.50
CA GLY B 119 -32.42 -6.99 39.72
C GLY B 119 -33.83 -6.98 40.29
N GLY B 120 -34.45 -5.81 40.29
CA GLY B 120 -35.76 -5.67 40.94
C GLY B 120 -36.84 -6.49 40.28
N LEU B 121 -36.92 -6.47 38.93
CA LEU B 121 -37.94 -7.28 38.26
C LEU B 121 -37.71 -8.77 38.46
N ALA B 122 -36.45 -9.20 38.47
CA ALA B 122 -36.15 -10.61 38.66
C ALA B 122 -36.53 -11.09 40.07
N ALA B 123 -36.21 -10.29 41.08
CA ALA B 123 -36.60 -10.62 42.46
C ALA B 123 -38.13 -10.64 42.60
N GLY B 124 -38.82 -9.65 42.04
CA GLY B 124 -40.28 -9.60 42.18
C GLY B 124 -40.98 -10.79 41.54
N LYS B 125 -40.55 -11.19 40.34
CA LYS B 125 -41.20 -12.33 39.70
C LYS B 125 -40.92 -13.63 40.45
N GLU B 126 -39.70 -13.81 40.94
CA GLU B 126 -39.37 -15.05 41.65
C GLU B 126 -40.12 -15.15 42.98
N ALA B 127 -40.24 -14.04 43.71
CA ALA B 127 -40.98 -14.07 44.97
C ALA B 127 -42.44 -14.43 44.73
N ALA B 128 -43.07 -13.80 43.73
CA ALA B 128 -44.47 -14.08 43.44
C ALA B 128 -44.73 -15.55 43.14
N LYS B 129 -43.73 -16.25 42.58
CA LYS B 129 -43.84 -17.70 42.34
C LYS B 129 -44.19 -18.48 43.61
N TYR B 130 -43.73 -18.04 44.79
CA TYR B 130 -43.93 -18.79 46.03
C TYR B 130 -45.08 -18.24 46.87
N GLY B 131 -45.97 -17.46 46.28
CA GLY B 131 -47.11 -16.96 47.00
C GLY B 131 -46.91 -15.68 47.76
N ALA B 132 -45.75 -15.04 47.63
CA ALA B 132 -45.57 -13.74 48.27
C ALA B 132 -46.34 -12.66 47.52
N LYS B 133 -47.19 -11.91 48.24
CA LYS B 133 -47.89 -10.78 47.66
C LYS B 133 -46.91 -9.63 47.44
N THR B 134 -46.71 -9.23 46.17
CA THR B 134 -45.56 -8.43 45.78
C THR B 134 -45.96 -7.18 45.01
N ALA B 135 -45.29 -6.06 45.33
CA ALA B 135 -45.38 -4.84 44.53
C ALA B 135 -44.00 -4.47 43.99
N VAL B 136 -43.95 -4.01 42.75
CA VAL B 136 -42.74 -3.45 42.15
C VAL B 136 -43.03 -2.00 41.79
N LEU B 137 -42.20 -1.10 42.30
CA LEU B 137 -42.27 0.33 42.05
C LEU B 137 -41.16 0.73 41.08
N ASP B 138 -41.50 1.45 40.01
CA ASP B 138 -40.48 1.98 39.11
C ASP B 138 -40.85 3.39 38.66
N TYR B 139 -39.85 4.28 38.66
CA TYR B 139 -40.00 5.63 38.13
C TYR B 139 -38.67 6.02 37.50
N VAL B 140 -38.72 6.73 36.38
CA VAL B 140 -37.52 7.18 35.67
C VAL B 140 -37.50 8.71 35.71
N GLU B 141 -36.62 9.27 36.55
CA GLU B 141 -36.48 10.72 36.60
C GLU B 141 -35.81 11.22 35.33
N PRO B 142 -36.36 12.24 34.65
CA PRO B 142 -35.80 12.67 33.36
C PRO B 142 -34.36 13.19 33.47
N THR B 143 -33.63 13.07 32.36
CA THR B 143 -32.31 13.69 32.24
C THR B 143 -32.47 15.20 32.15
N PRO B 144 -31.38 15.97 32.30
CA PRO B 144 -31.49 17.43 32.21
C PRO B 144 -32.17 17.95 30.95
N ILE B 145 -32.01 17.32 29.78
CA ILE B 145 -32.73 17.76 28.59
C ILE B 145 -34.13 17.17 28.49
N GLY B 146 -34.52 16.31 29.44
CA GLY B 146 -35.88 15.81 29.51
C GLY B 146 -36.13 14.38 29.05
N THR B 147 -35.09 13.61 28.72
CA THR B 147 -35.27 12.25 28.22
C THR B 147 -35.83 11.33 29.31
N THR B 148 -36.79 10.47 28.93
CA THR B 148 -37.35 9.45 29.81
C THR B 148 -37.64 8.18 29.00
N TRP B 149 -38.01 7.10 29.69
CA TRP B 149 -38.20 5.79 29.04
C TRP B 149 -39.04 4.90 29.95
N GLY B 150 -39.30 3.67 29.49
CA GLY B 150 -40.26 2.79 30.12
C GLY B 150 -39.65 1.76 31.08
N LEU B 151 -40.46 0.75 31.42
CA LEU B 151 -40.10 -0.20 32.48
C LEU B 151 -38.95 -1.11 32.04
N GLY B 152 -38.03 -1.40 32.96
CA GLY B 152 -37.01 -2.39 32.68
C GLY B 152 -35.58 -2.06 33.11
N GLY B 153 -35.32 -0.79 33.41
CA GLY B 153 -34.06 -0.38 34.02
C GLY B 153 -33.03 0.12 33.02
N THR B 154 -31.78 0.25 33.53
CA THR B 154 -30.71 0.86 32.75
C THR B 154 -30.31 -0.02 31.56
N CYS B 155 -30.08 -1.31 31.81
CA CYS B 155 -29.64 -2.22 30.74
C CYS B 155 -30.64 -2.24 29.57
N VAL B 156 -31.93 -2.41 29.88
CA VAL B 156 -32.96 -2.55 28.85
C VAL B 156 -33.08 -1.29 28.00
N ASN B 157 -33.11 -0.12 28.64
CA ASN B 157 -33.50 1.12 27.97
C ASN B 157 -32.32 1.97 27.51
N VAL B 158 -31.22 1.99 28.27
CA VAL B 158 -30.14 2.96 28.01
C VAL B 158 -28.78 2.34 28.33
N GLY B 159 -28.66 1.01 28.12
CA GLY B 159 -27.45 0.29 28.50
C GLY B 159 -27.11 -0.88 27.58
N CYS B 160 -26.99 -2.09 28.15
CA CYS B 160 -26.46 -3.23 27.40
C CYS B 160 -27.23 -3.46 26.10
N ILE B 161 -28.56 -3.32 26.11
CA ILE B 161 -29.36 -3.72 24.95
C ILE B 161 -29.16 -2.73 23.80
N PRO B 162 -29.42 -1.42 23.96
CA PRO B 162 -29.21 -0.52 22.82
C PRO B 162 -27.74 -0.39 22.43
N LYS B 163 -26.81 -0.42 23.40
CA LYS B 163 -25.42 -0.24 22.96
C LYS B 163 -24.94 -1.44 22.16
N LYS B 164 -25.39 -2.67 22.48
CA LYS B 164 -24.90 -3.79 21.67
C LYS B 164 -25.58 -3.86 20.32
N LEU B 165 -26.80 -3.32 20.21
CA LEU B 165 -27.44 -3.22 18.91
C LEU B 165 -26.72 -2.20 18.04
N MET B 166 -26.28 -1.10 18.65
CA MET B 166 -25.54 -0.06 17.92
C MET B 166 -24.14 -0.55 17.55
N HIS B 167 -23.51 -1.30 18.45
CA HIS B 167 -22.25 -2.00 18.14
C HIS B 167 -22.41 -2.92 16.92
N GLN B 168 -23.53 -3.65 16.83
CA GLN B 168 -23.77 -4.52 15.69
C GLN B 168 -23.91 -3.73 14.39
N ALA B 169 -24.59 -2.57 14.44
CA ALA B 169 -24.67 -1.71 13.27
C ALA B 169 -23.28 -1.27 12.81
N GLY B 170 -22.39 -1.02 13.78
CA GLY B 170 -21.01 -0.68 13.45
C GLY B 170 -20.24 -1.86 12.86
N LEU B 171 -20.40 -3.04 13.46
CA LEU B 171 -19.74 -4.23 12.92
C LEU B 171 -20.16 -4.50 11.48
N LEU B 172 -21.41 -4.19 11.13
CA LEU B 172 -21.85 -4.50 9.78
C LEU B 172 -21.16 -3.65 8.72
N SER B 173 -20.55 -2.51 9.09
CA SER B 173 -19.78 -1.75 8.11
C SER B 173 -18.57 -2.54 7.63
N HIS B 174 -17.89 -3.22 8.53
CA HIS B 174 -16.76 -4.04 8.10
C HIS B 174 -17.20 -5.34 7.46
N ALA B 175 -18.40 -5.82 7.77
CA ALA B 175 -18.95 -6.95 7.01
C ALA B 175 -19.22 -6.56 5.56
N LEU B 176 -19.77 -5.35 5.34
CA LEU B 176 -19.94 -4.83 3.98
C LEU B 176 -18.61 -4.75 3.24
N GLU B 177 -17.55 -4.30 3.93
CA GLU B 177 -16.22 -4.24 3.32
C GLU B 177 -15.71 -5.64 2.97
N ASP B 178 -15.80 -6.58 3.93
CA ASP B 178 -15.32 -7.94 3.68
C ASP B 178 -16.05 -8.60 2.52
N ALA B 179 -17.34 -8.32 2.35
CA ALA B 179 -18.14 -9.02 1.35
C ALA B 179 -17.55 -8.89 -0.06
N GLU B 180 -16.94 -7.75 -0.38
CA GLU B 180 -16.31 -7.60 -1.70
C GLU B 180 -15.22 -8.64 -1.93
N HIS B 181 -14.38 -8.86 -0.92
CA HIS B 181 -13.30 -9.84 -1.06
C HIS B 181 -13.83 -11.27 -1.14
N PHE B 182 -14.99 -11.55 -0.56
CA PHE B 182 -15.54 -12.90 -0.65
C PHE B 182 -16.40 -13.11 -1.89
N GLY B 183 -16.41 -12.14 -2.83
CA GLY B 183 -17.03 -12.32 -4.13
C GLY B 183 -18.34 -11.56 -4.37
N TRP B 184 -18.87 -10.84 -3.38
CA TRP B 184 -20.11 -10.09 -3.57
C TRP B 184 -19.87 -8.77 -4.32
N SER B 185 -20.85 -8.34 -5.11
CA SER B 185 -20.66 -7.30 -6.12
C SER B 185 -20.94 -5.87 -5.64
N LEU B 186 -21.20 -5.65 -4.35
CA LEU B 186 -21.45 -4.30 -3.87
C LEU B 186 -20.17 -3.46 -3.87
N ASP B 187 -20.34 -2.15 -3.74
CA ASP B 187 -19.21 -1.21 -3.61
C ASP B 187 -19.37 -0.44 -2.32
N ARG B 188 -18.65 -0.87 -1.27
CA ARG B 188 -18.77 -0.29 0.06
C ARG B 188 -18.63 1.23 0.05
N SER B 189 -17.75 1.74 -0.81
CA SER B 189 -17.44 3.17 -0.81
C SER B 189 -18.63 4.05 -1.20
N LYS B 190 -19.68 3.49 -1.80
CA LYS B 190 -20.85 4.25 -2.20
C LYS B 190 -22.05 4.02 -1.28
N ILE B 191 -21.84 3.42 -0.12
CA ILE B 191 -22.92 3.11 0.82
C ILE B 191 -22.77 4.01 2.05
N SER B 192 -23.89 4.55 2.53
CA SER B 192 -23.89 5.45 3.68
C SER B 192 -24.83 4.89 4.76
N HIS B 193 -24.78 5.50 5.95
CA HIS B 193 -25.60 5.08 7.08
C HIS B 193 -26.60 6.17 7.48
N ASN B 194 -27.81 5.74 7.82
CA ASN B 194 -28.90 6.62 8.28
C ASN B 194 -29.11 6.39 9.78
N TRP B 195 -28.68 7.36 10.59
CA TRP B 195 -28.79 7.26 12.04
C TRP B 195 -30.23 7.10 12.50
N SER B 196 -31.14 7.92 11.96
CA SER B 196 -32.49 7.90 12.46
C SER B 196 -33.20 6.58 12.14
N THR B 197 -32.87 5.92 11.02
CA THR B 197 -33.44 4.61 10.74
C THR B 197 -32.99 3.58 11.77
N MET B 198 -31.72 3.61 12.16
CA MET B 198 -31.22 2.66 13.17
C MET B 198 -31.88 2.90 14.52
N VAL B 199 -31.97 4.17 14.94
CA VAL B 199 -32.59 4.49 16.23
C VAL B 199 -34.04 4.02 16.28
N GLU B 200 -34.78 4.16 15.18
CA GLU B 200 -36.18 3.72 15.19
C GLU B 200 -36.29 2.21 15.37
N GLY B 201 -35.43 1.43 14.70
CA GLY B 201 -35.45 0.00 14.93
C GLY B 201 -35.04 -0.36 16.35
N VAL B 202 -34.00 0.30 16.88
CA VAL B 202 -33.56 0.02 18.25
C VAL B 202 -34.69 0.33 19.24
N GLN B 203 -35.31 1.49 19.08
CA GLN B 203 -36.35 1.91 20.03
C GLN B 203 -37.60 1.04 19.92
N SER B 204 -37.92 0.53 18.72
CA SER B 204 -39.05 -0.38 18.61
C SER B 204 -38.79 -1.69 19.37
N HIS B 205 -37.55 -2.19 19.36
CA HIS B 205 -37.25 -3.39 20.14
C HIS B 205 -37.36 -3.10 21.64
N ILE B 206 -36.83 -1.96 22.10
CA ILE B 206 -36.94 -1.60 23.51
C ILE B 206 -38.40 -1.49 23.91
N GLY B 207 -39.23 -0.91 23.03
CA GLY B 207 -40.66 -0.82 23.33
C GLY B 207 -41.29 -2.19 23.52
N SER B 208 -40.86 -3.19 22.76
CA SER B 208 -41.40 -4.53 22.95
C SER B 208 -40.93 -5.13 24.28
N LEU B 209 -39.76 -4.73 24.79
CA LEU B 209 -39.33 -5.20 26.10
C LEU B 209 -40.09 -4.51 27.23
N ASN B 210 -40.32 -3.18 27.12
CA ASN B 210 -41.14 -2.49 28.12
C ASN B 210 -42.48 -3.19 28.27
N TRP B 211 -43.14 -3.47 27.13
CA TRP B 211 -44.44 -4.12 27.15
C TRP B 211 -44.36 -5.53 27.72
N GLY B 212 -43.33 -6.29 27.32
CA GLY B 212 -43.18 -7.64 27.84
C GLY B 212 -43.07 -7.70 29.34
N TYR B 213 -42.37 -6.74 29.95
CA TYR B 213 -42.24 -6.75 31.42
C TYR B 213 -43.57 -6.44 32.11
N LYS B 214 -44.34 -5.50 31.56
CA LYS B 214 -45.65 -5.23 32.15
C LYS B 214 -46.58 -6.44 32.04
N VAL B 215 -46.55 -7.15 30.91
CA VAL B 215 -47.36 -8.36 30.78
C VAL B 215 -46.90 -9.42 31.77
N ALA B 216 -45.58 -9.57 31.92
CA ALA B 216 -45.05 -10.59 32.82
C ALA B 216 -45.49 -10.35 34.26
N LEU B 217 -45.45 -9.09 34.70
CA LEU B 217 -45.84 -8.78 36.07
C LEU B 217 -47.32 -9.07 36.28
N ARG B 218 -48.16 -8.62 35.35
CA ARG B 218 -49.59 -8.92 35.43
C ARG B 218 -49.85 -10.42 35.45
N ASP B 219 -49.14 -11.20 34.63
CA ASP B 219 -49.38 -12.63 34.60
C ASP B 219 -48.85 -13.36 35.83
N ASN B 220 -47.96 -12.74 36.61
CA ASN B 220 -47.50 -13.31 37.87
C ASN B 220 -48.22 -12.73 39.09
N GLN B 221 -49.28 -11.94 38.87
CA GLN B 221 -50.07 -11.32 39.95
C GLN B 221 -49.25 -10.33 40.76
N VAL B 222 -48.26 -9.70 40.14
CA VAL B 222 -47.45 -8.67 40.79
C VAL B 222 -48.07 -7.30 40.51
N THR B 223 -48.23 -6.48 41.56
CA THR B 223 -48.73 -5.11 41.39
C THR B 223 -47.61 -4.21 40.88
N TYR B 224 -47.79 -3.57 39.71
CA TYR B 224 -46.82 -2.62 39.17
C TYR B 224 -47.31 -1.20 39.42
N LEU B 225 -46.55 -0.41 40.19
CA LEU B 225 -46.83 1.01 40.39
C LEU B 225 -45.75 1.85 39.71
N ASN B 226 -46.16 2.67 38.73
CA ASN B 226 -45.25 3.63 38.11
C ASN B 226 -45.23 4.88 38.99
N ALA B 227 -44.40 4.83 40.03
CA ALA B 227 -44.39 5.86 41.06
C ALA B 227 -43.04 5.87 41.76
N LYS B 228 -42.63 7.04 42.22
CA LYS B 228 -41.39 7.18 42.97
C LYS B 228 -41.59 6.70 44.41
N GLY B 229 -40.70 5.83 44.88
CA GLY B 229 -40.78 5.28 46.22
C GLY B 229 -39.75 5.88 47.15
N ARG B 230 -40.12 6.02 48.43
CA ARG B 230 -39.21 6.51 49.47
C ARG B 230 -39.47 5.74 50.75
N LEU B 231 -38.45 5.08 51.27
CA LEU B 231 -38.58 4.33 52.52
C LEU B 231 -38.47 5.30 53.69
N ILE B 232 -39.57 5.48 54.41
CA ILE B 232 -39.62 6.42 55.54
C ILE B 232 -39.55 5.74 56.90
N SER B 233 -39.77 4.42 56.95
CA SER B 233 -39.57 3.62 58.15
C SER B 233 -39.35 2.18 57.69
N PRO B 234 -38.87 1.29 58.58
CA PRO B 234 -38.53 -0.08 58.13
C PRO B 234 -39.62 -0.77 57.31
N HIS B 235 -40.90 -0.48 57.56
CA HIS B 235 -41.97 -1.17 56.85
C HIS B 235 -42.89 -0.25 56.04
N GLU B 236 -42.59 1.04 55.95
CA GLU B 236 -43.46 2.00 55.27
C GLU B 236 -42.77 2.66 54.09
N VAL B 237 -43.42 2.59 52.92
CA VAL B 237 -42.92 3.20 51.69
C VAL B 237 -43.89 4.29 51.24
N GLN B 238 -43.40 5.52 51.17
CA GLN B 238 -44.16 6.65 50.64
C GLN B 238 -44.03 6.69 49.12
N ILE B 239 -45.15 6.77 48.41
CA ILE B 239 -45.16 6.75 46.95
C ILE B 239 -45.77 8.04 46.43
N THR B 240 -45.20 8.53 45.32
CA THR B 240 -45.66 9.74 44.63
C THR B 240 -45.92 9.38 43.18
N ASP B 241 -47.18 9.47 42.75
CA ASP B 241 -47.54 9.01 41.41
C ASP B 241 -47.32 10.13 40.39
N LYS B 242 -47.88 9.97 39.19
CA LYS B 242 -47.62 10.90 38.10
C LYS B 242 -48.34 12.24 38.25
N ASN B 243 -49.22 12.38 39.26
CA ASN B 243 -49.87 13.65 39.57
C ASN B 243 -49.35 14.26 40.88
N GLN B 244 -48.23 13.75 41.37
CA GLN B 244 -47.76 13.98 42.75
C GLN B 244 -48.90 13.81 43.77
N LYS B 245 -49.69 12.75 43.59
CA LYS B 245 -50.50 12.25 44.69
C LYS B 245 -49.60 11.38 45.58
N VAL B 246 -49.56 11.70 46.87
CA VAL B 246 -48.68 11.04 47.84
C VAL B 246 -49.51 10.13 48.73
N SER B 247 -49.06 8.88 48.89
CA SER B 247 -49.70 7.96 49.81
C SER B 247 -48.63 7.06 50.44
N THR B 248 -49.06 6.13 51.28
CA THR B 248 -48.15 5.23 51.98
C THR B 248 -48.64 3.80 51.85
N ILE B 249 -47.72 2.87 51.54
CA ILE B 249 -48.01 1.45 51.55
C ILE B 249 -47.04 0.76 52.51
N THR B 250 -47.44 -0.41 52.99
CA THR B 250 -46.64 -1.14 53.96
C THR B 250 -46.26 -2.52 53.42
N GLY B 251 -45.09 -2.99 53.83
CA GLY B 251 -44.60 -4.28 53.36
C GLY B 251 -43.73 -4.94 54.40
N ASN B 252 -43.75 -6.28 54.40
CA ASN B 252 -42.96 -7.06 55.34
C ASN B 252 -41.47 -6.96 55.02
N LYS B 253 -41.07 -7.52 53.88
CA LYS B 253 -39.70 -7.38 53.40
C LYS B 253 -39.61 -6.28 52.34
N ILE B 254 -38.46 -5.60 52.30
CA ILE B 254 -38.21 -4.53 51.34
C ILE B 254 -36.92 -4.86 50.60
N ILE B 255 -36.93 -4.73 49.27
CA ILE B 255 -35.69 -4.82 48.48
C ILE B 255 -35.46 -3.48 47.81
N LEU B 256 -34.31 -2.86 48.10
CA LEU B 256 -33.86 -1.67 47.39
C LEU B 256 -33.11 -2.10 46.14
N ALA B 257 -33.57 -1.64 44.98
CA ALA B 257 -32.96 -2.03 43.70
C ALA B 257 -33.04 -0.85 42.72
N THR B 258 -32.57 0.32 43.16
CA THR B 258 -32.79 1.59 42.43
C THR B 258 -31.63 2.00 41.52
N GLY B 259 -30.51 1.27 41.50
CA GLY B 259 -29.52 1.53 40.44
C GLY B 259 -28.77 2.86 40.59
N GLU B 260 -28.14 3.28 39.48
CA GLU B 260 -27.32 4.51 39.41
C GLU B 260 -27.71 5.33 38.19
N ARG B 261 -27.15 6.54 38.09
CA ARG B 261 -27.33 7.43 36.95
C ARG B 261 -26.00 8.08 36.64
N PRO B 262 -25.82 8.62 35.41
CA PRO B 262 -24.52 9.20 35.03
C PRO B 262 -24.15 10.43 35.84
N LYS B 263 -22.84 10.59 36.05
CA LYS B 263 -22.26 11.79 36.63
C LYS B 263 -21.90 12.82 35.54
N TYR B 264 -21.94 14.11 35.92
CA TYR B 264 -21.41 15.24 35.15
C TYR B 264 -20.22 15.86 35.88
N PRO B 265 -19.20 16.32 35.17
CA PRO B 265 -18.15 17.08 35.85
C PRO B 265 -18.67 18.46 36.25
N GLU B 266 -18.01 19.03 37.27
CA GLU B 266 -18.38 20.34 37.83
C GLU B 266 -17.68 21.45 37.07
N ILE B 267 -18.13 21.66 35.82
CA ILE B 267 -17.58 22.71 34.96
C ILE B 267 -18.71 23.44 34.27
N PRO B 268 -18.49 24.70 33.91
CA PRO B 268 -19.54 25.47 33.22
C PRO B 268 -19.93 24.82 31.90
N GLY B 269 -21.25 24.78 31.64
CA GLY B 269 -21.77 24.31 30.38
C GLY B 269 -22.01 22.81 30.27
N ALA B 270 -21.53 22.02 31.24
CA ALA B 270 -21.63 20.56 31.13
C ALA B 270 -23.08 20.10 31.12
N VAL B 271 -23.85 20.46 32.14
CA VAL B 271 -25.24 20.03 32.25
C VAL B 271 -26.08 20.66 31.13
N GLU B 272 -25.78 21.92 30.79
CA GLU B 272 -26.60 22.66 29.84
C GLU B 272 -26.45 22.13 28.42
N TYR B 273 -25.22 21.87 27.97
CA TYR B 273 -24.94 21.68 26.56
C TYR B 273 -24.43 20.29 26.19
N GLY B 274 -24.03 19.48 27.16
CA GLY B 274 -23.58 18.12 26.89
C GLY B 274 -24.71 17.11 27.08
N ILE B 275 -24.42 15.85 26.72
CA ILE B 275 -25.36 14.75 26.93
C ILE B 275 -24.61 13.58 27.58
N THR B 276 -25.35 12.54 27.97
CA THR B 276 -24.76 11.29 28.45
C THR B 276 -25.35 10.11 27.68
N SER B 277 -24.94 8.90 28.07
CA SER B 277 -25.47 7.69 27.46
C SER B 277 -26.98 7.59 27.66
N ASP B 278 -27.51 8.21 28.72
CA ASP B 278 -28.95 8.25 28.94
C ASP B 278 -29.70 8.86 27.76
N ASP B 279 -29.10 9.88 27.13
CA ASP B 279 -29.70 10.57 25.99
C ASP B 279 -29.30 9.98 24.64
N LEU B 280 -28.13 9.34 24.55
CA LEU B 280 -27.57 8.99 23.25
C LEU B 280 -28.46 7.98 22.52
N PHE B 281 -29.04 7.01 23.24
CA PHE B 281 -29.66 5.87 22.57
C PHE B 281 -31.03 6.18 21.99
N SER B 282 -31.61 7.35 22.28
CA SER B 282 -32.82 7.79 21.60
C SER B 282 -32.64 9.13 20.88
N LEU B 283 -31.40 9.58 20.69
CA LEU B 283 -31.18 10.91 20.14
C LEU B 283 -31.83 11.02 18.76
N PRO B 284 -32.64 12.04 18.50
CA PRO B 284 -33.37 12.09 17.22
C PRO B 284 -32.52 12.57 16.04
N TYR B 285 -31.33 13.14 16.27
CA TYR B 285 -30.47 13.62 15.20
C TYR B 285 -29.13 12.87 15.26
N PHE B 286 -28.45 12.73 14.11
CA PHE B 286 -27.11 12.15 14.15
C PHE B 286 -26.20 13.08 14.95
N PRO B 287 -25.38 12.54 15.86
CA PRO B 287 -24.54 13.42 16.68
C PRO B 287 -23.56 14.28 15.89
N GLY B 288 -23.18 13.87 14.67
CA GLY B 288 -22.16 14.59 13.93
C GLY B 288 -20.78 14.46 14.57
N LYS B 289 -19.95 15.49 14.36
CA LYS B 289 -18.63 15.52 14.97
C LYS B 289 -18.73 15.54 16.49
N THR B 290 -18.18 14.50 17.13
CA THR B 290 -18.47 14.21 18.52
C THR B 290 -17.20 14.18 19.35
N LEU B 291 -17.28 14.71 20.57
CA LEU B 291 -16.27 14.53 21.59
C LEU B 291 -16.83 13.67 22.71
N VAL B 292 -16.14 12.56 23.02
CA VAL B 292 -16.47 11.74 24.19
C VAL B 292 -15.44 12.03 25.28
N ILE B 293 -15.91 12.51 26.43
CA ILE B 293 -15.07 12.81 27.58
C ILE B 293 -15.16 11.65 28.59
N GLY B 294 -14.03 10.97 28.82
CA GLY B 294 -13.93 9.83 29.72
C GLY B 294 -13.19 8.67 29.09
N ALA B 295 -12.98 7.62 29.90
CA ALA B 295 -12.16 6.49 29.45
C ALA B 295 -12.63 5.14 29.99
N SER B 296 -13.87 5.05 30.47
CA SER B 296 -14.51 3.84 30.95
C SER B 296 -14.93 2.95 29.77
N TYR B 297 -15.44 1.75 30.07
CA TYR B 297 -15.96 0.93 28.99
C TYR B 297 -17.14 1.60 28.29
N VAL B 298 -17.94 2.40 29.02
CA VAL B 298 -19.02 3.15 28.36
C VAL B 298 -18.44 4.11 27.33
N ALA B 299 -17.44 4.89 27.72
CA ALA B 299 -16.85 5.87 26.80
C ALA B 299 -16.31 5.22 25.54
N LEU B 300 -15.53 4.15 25.70
CA LEU B 300 -14.89 3.51 24.56
C LEU B 300 -15.90 2.78 23.67
N GLU B 301 -16.90 2.12 24.27
CA GLU B 301 -17.91 1.45 23.46
C GLU B 301 -18.68 2.44 22.60
N CYS B 302 -19.09 3.58 23.19
CA CYS B 302 -19.84 4.58 22.44
C CYS B 302 -18.98 5.24 21.35
N ALA B 303 -17.76 5.64 21.69
CA ALA B 303 -16.89 6.20 20.65
C ALA B 303 -16.66 5.21 19.54
N GLY B 304 -16.46 3.94 19.88
CA GLY B 304 -16.28 2.88 18.89
C GLY B 304 -17.36 2.74 17.83
N PHE B 305 -18.62 2.57 18.22
CA PHE B 305 -19.64 2.43 17.17
C PHE B 305 -19.87 3.76 16.42
N LEU B 306 -19.78 4.91 17.09
CA LEU B 306 -19.95 6.17 16.37
C LEU B 306 -18.91 6.31 15.25
N ALA B 307 -17.66 5.90 15.50
CA ALA B 307 -16.65 5.94 14.46
C ALA B 307 -16.98 4.99 13.30
N SER B 308 -17.47 3.79 13.61
CA SER B 308 -17.75 2.82 12.56
C SER B 308 -18.96 3.20 11.71
N LEU B 309 -19.88 3.97 12.26
CA LEU B 309 -21.00 4.47 11.48
C LEU B 309 -20.58 5.61 10.54
N GLY B 310 -19.37 6.14 10.71
CA GLY B 310 -18.89 7.22 9.88
C GLY B 310 -18.75 8.54 10.59
N GLY B 311 -18.73 8.54 11.92
CA GLY B 311 -18.58 9.78 12.66
C GLY B 311 -17.12 10.18 12.78
N ASP B 312 -16.92 11.49 12.92
CA ASP B 312 -15.65 12.11 13.27
C ASP B 312 -15.62 12.16 14.79
N VAL B 313 -14.87 11.25 15.41
CA VAL B 313 -14.97 10.99 16.86
C VAL B 313 -13.61 11.20 17.52
N THR B 314 -13.61 11.92 18.64
CA THR B 314 -12.44 12.11 19.50
C THR B 314 -12.77 11.71 20.93
N VAL B 315 -11.82 11.07 21.62
CA VAL B 315 -11.95 10.71 23.03
C VAL B 315 -10.91 11.49 23.83
N MET B 316 -11.36 12.17 24.90
CA MET B 316 -10.46 12.93 25.77
C MET B 316 -10.23 12.16 27.07
N VAL B 317 -8.96 11.82 27.35
CA VAL B 317 -8.57 10.87 28.38
C VAL B 317 -7.75 11.59 29.45
N ARG B 318 -8.22 11.52 30.71
CA ARG B 318 -7.52 12.20 31.80
C ARG B 318 -6.20 11.51 32.12
N SER B 319 -6.21 10.19 32.30
CA SER B 319 -4.97 9.44 32.55
C SER B 319 -4.86 8.18 31.70
N ILE B 320 -5.56 7.10 32.08
CA ILE B 320 -5.45 5.82 31.41
C ILE B 320 -6.82 5.34 30.92
N LEU B 321 -6.78 4.36 30.01
CA LEU B 321 -7.97 3.66 29.54
C LEU B 321 -8.35 2.51 30.48
N LEU B 322 -9.65 2.35 30.74
CA LEU B 322 -10.20 1.17 31.43
C LEU B 322 -9.52 0.90 32.79
N ARG B 323 -9.45 1.93 33.63
CA ARG B 323 -8.85 1.76 34.96
C ARG B 323 -9.55 0.62 35.69
N GLY B 324 -8.75 -0.27 36.27
CA GLY B 324 -9.25 -1.45 36.94
C GLY B 324 -9.19 -2.72 36.11
N PHE B 325 -9.10 -2.60 34.78
CA PHE B 325 -8.88 -3.74 33.91
C PHE B 325 -7.39 -3.91 33.61
N ASP B 326 -7.02 -5.13 33.21
CA ASP B 326 -5.65 -5.44 32.78
C ASP B 326 -5.13 -4.40 31.80
N GLN B 327 -4.01 -3.73 32.17
CA GLN B 327 -3.61 -2.56 31.40
C GLN B 327 -2.91 -2.91 30.09
N GLN B 328 -2.27 -4.09 30.00
CA GLN B 328 -1.78 -4.51 28.69
C GLN B 328 -2.93 -4.63 27.72
N MET B 329 -4.03 -5.22 28.18
CA MET B 329 -5.14 -5.49 27.29
C MET B 329 -5.85 -4.18 26.94
N ALA B 330 -5.95 -3.27 27.91
CA ALA B 330 -6.57 -1.97 27.67
C ALA B 330 -5.82 -1.19 26.60
N GLU B 331 -4.48 -1.20 26.67
CA GLU B 331 -3.68 -0.52 25.66
C GLU B 331 -3.89 -1.13 24.28
N LYS B 332 -3.97 -2.47 24.18
CA LYS B 332 -4.26 -3.08 22.88
C LYS B 332 -5.64 -2.67 22.35
N VAL B 333 -6.65 -2.59 23.24
CA VAL B 333 -7.98 -2.12 22.84
C VAL B 333 -7.90 -0.72 22.22
N GLY B 334 -7.20 0.20 22.90
CA GLY B 334 -7.11 1.57 22.44
C GLY B 334 -6.29 1.74 21.17
N ASP B 335 -5.18 0.99 21.04
CA ASP B 335 -4.40 1.09 19.80
C ASP B 335 -5.18 0.64 18.58
N TYR B 336 -6.01 -0.42 18.71
CA TYR B 336 -6.86 -0.81 17.59
C TYR B 336 -7.82 0.32 17.22
N MET B 337 -8.49 0.90 18.22
CA MET B 337 -9.41 2.00 17.92
C MET B 337 -8.70 3.16 17.22
N GLU B 338 -7.50 3.51 17.67
CA GLU B 338 -6.76 4.63 17.07
C GLU B 338 -6.36 4.35 15.62
N ASN B 339 -6.04 3.08 15.29
CA ASN B 339 -5.71 2.74 13.92
C ASN B 339 -6.94 2.66 13.03
N HIS B 340 -8.14 2.58 13.60
CA HIS B 340 -9.37 2.48 12.82
C HIS B 340 -10.30 3.66 13.05
N GLY B 341 -9.74 4.87 13.16
CA GLY B 341 -10.51 6.09 12.99
C GLY B 341 -10.77 6.92 14.23
N VAL B 342 -10.64 6.37 15.43
CA VAL B 342 -10.91 7.13 16.65
C VAL B 342 -9.69 7.99 17.00
N LYS B 343 -9.88 9.30 17.10
CA LYS B 343 -8.81 10.18 17.59
C LYS B 343 -8.82 10.24 19.11
N PHE B 344 -7.62 10.40 19.70
CA PHE B 344 -7.49 10.45 21.15
C PHE B 344 -6.75 11.72 21.57
N ALA B 345 -7.35 12.47 22.49
CA ALA B 345 -6.68 13.62 23.12
C ALA B 345 -6.20 13.15 24.49
N LYS B 346 -4.92 12.79 24.57
CA LYS B 346 -4.41 12.07 25.73
C LYS B 346 -3.91 13.04 26.80
N LEU B 347 -4.01 12.60 28.06
CA LEU B 347 -3.60 13.38 29.23
C LEU B 347 -4.24 14.77 29.22
N CYS B 348 -5.58 14.80 29.24
CA CYS B 348 -6.31 16.03 28.96
C CYS B 348 -7.64 16.03 29.70
N VAL B 349 -8.02 17.19 30.25
CA VAL B 349 -9.30 17.33 30.95
C VAL B 349 -10.02 18.56 30.43
N PRO B 350 -11.35 18.62 30.55
CA PRO B 350 -12.10 19.79 30.09
C PRO B 350 -12.24 20.87 31.16
N ASP B 351 -12.21 22.13 30.71
CA ASP B 351 -12.50 23.28 31.56
C ASP B 351 -13.88 23.87 31.21
N ILE B 353 -17.45 24.08 28.48
CA ILE B 353 -18.27 23.88 27.29
C ILE B 353 -19.07 25.14 26.97
N LYS B 354 -18.84 25.72 25.80
CA LYS B 354 -19.54 26.93 25.37
C LYS B 354 -20.44 26.62 24.19
N GLN B 355 -21.64 27.21 24.18
CA GLN B 355 -22.61 26.97 23.12
C GLN B 355 -22.45 28.00 22.00
N LEU B 356 -22.25 27.51 20.77
CA LEU B 356 -22.18 28.34 19.58
C LEU B 356 -23.48 28.34 18.76
N LYS B 357 -24.15 27.20 18.67
CA LYS B 357 -25.46 27.09 18.03
C LYS B 357 -26.34 26.18 18.86
N VAL B 358 -27.63 26.53 18.95
CA VAL B 358 -28.62 25.73 19.66
C VAL B 358 -29.03 24.56 18.78
N VAL B 359 -29.36 23.43 19.41
CA VAL B 359 -29.89 22.29 18.68
C VAL B 359 -31.12 22.70 17.90
N ASP B 360 -31.21 22.24 16.66
CA ASP B 360 -32.30 22.56 15.74
C ASP B 360 -33.33 21.43 15.82
N THR B 361 -34.25 21.53 16.79
CA THR B 361 -35.24 20.48 16.99
C THR B 361 -36.25 20.39 15.84
N GLU B 362 -36.36 21.42 15.00
CA GLU B 362 -37.32 21.37 13.91
C GLU B 362 -36.77 20.61 12.71
N ASN B 363 -35.56 20.94 12.27
CA ASN B 363 -34.93 20.28 11.13
C ASN B 363 -34.08 19.09 11.54
N ASN B 364 -34.12 18.70 12.81
CA ASN B 364 -33.51 17.46 13.28
C ASN B 364 -32.00 17.49 13.04
N LYS B 365 -31.35 18.51 13.60
CA LYS B 365 -29.94 18.81 13.39
C LYS B 365 -29.29 19.11 14.74
N PRO B 366 -28.04 18.71 14.93
CA PRO B 366 -27.34 19.05 16.17
C PRO B 366 -26.94 20.52 16.21
N GLY B 367 -26.59 20.98 17.41
CA GLY B 367 -26.07 22.33 17.60
C GLY B 367 -24.59 22.42 17.28
N LEU B 368 -23.91 23.35 17.94
CA LEU B 368 -22.46 23.46 17.80
C LEU B 368 -21.90 24.00 19.11
N LEU B 369 -20.77 23.42 19.54
CA LEU B 369 -20.19 23.69 20.85
C LEU B 369 -18.70 23.97 20.72
N LEU B 370 -18.18 24.81 21.62
CA LEU B 370 -16.75 25.07 21.79
C LEU B 370 -16.27 24.45 23.09
N VAL B 371 -15.33 23.51 23.00
CA VAL B 371 -14.77 22.87 24.19
C VAL B 371 -13.40 23.45 24.46
N LYS B 372 -13.18 23.90 25.69
CA LYS B 372 -11.89 24.40 26.13
C LYS B 372 -11.38 23.54 27.28
N GLY B 373 -10.09 23.22 27.24
CA GLY B 373 -9.49 22.39 28.27
C GLY B 373 -7.99 22.57 28.25
N HIS B 374 -7.31 21.78 29.07
CA HIS B 374 -5.85 21.86 29.15
C HIS B 374 -5.24 20.46 29.27
N TYR B 375 -4.06 20.30 28.67
CA TYR B 375 -3.25 19.10 28.81
C TYR B 375 -2.45 19.13 30.10
N THR B 376 -1.89 17.98 30.46
CA THR B 376 -1.35 17.78 31.79
C THR B 376 -0.03 18.52 32.02
N ASP B 377 0.68 18.88 30.96
CA ASP B 377 1.84 19.74 31.15
C ASP B 377 1.39 21.20 31.28
N GLY B 378 0.74 21.74 30.25
CA GLY B 378 0.18 23.06 30.32
C GLY B 378 -0.44 23.56 29.02
N LYS B 379 -0.22 22.88 27.91
CA LYS B 379 -0.82 23.33 26.65
C LYS B 379 -2.34 23.36 26.75
N LYS B 380 -2.96 24.19 25.91
CA LYS B 380 -4.39 24.38 25.94
C LYS B 380 -5.07 23.57 24.84
N PHE B 381 -6.30 23.14 25.14
CA PHE B 381 -7.15 22.42 24.21
C PHE B 381 -8.30 23.32 23.79
N GLU B 382 -8.56 23.40 22.48
CA GLU B 382 -9.69 24.21 22.03
C GLU B 382 -10.10 23.73 20.65
N GLU B 383 -11.32 23.19 20.54
CA GLU B 383 -11.84 22.64 19.29
C GLU B 383 -13.36 22.68 19.33
N GLU B 384 -13.98 22.82 18.17
CA GLU B 384 -15.44 22.77 18.02
C GLU B 384 -15.93 21.35 17.78
N PHE B 385 -17.08 21.03 18.38
CA PHE B 385 -17.75 19.73 18.20
C PHE B 385 -19.25 19.98 18.10
N GLU B 386 -19.94 19.12 17.33
CA GLU B 386 -21.40 19.25 17.27
C GLU B 386 -22.10 18.61 18.46
N THR B 387 -21.50 17.57 19.05
CA THR B 387 -22.04 16.87 20.22
C THR B 387 -20.92 16.59 21.21
N VAL B 388 -21.18 16.75 22.51
CA VAL B 388 -20.23 16.40 23.57
C VAL B 388 -20.89 15.41 24.53
N ILE B 389 -20.27 14.24 24.72
CA ILE B 389 -20.82 13.17 25.54
C ILE B 389 -19.94 12.96 26.76
N PHE B 390 -20.53 13.03 27.96
CA PHE B 390 -19.82 12.77 29.20
C PHE B 390 -20.00 11.31 29.62
N ALA B 391 -18.88 10.59 29.84
CA ALA B 391 -18.91 9.21 30.38
C ALA B 391 -17.83 9.12 31.46
N VAL B 392 -18.11 9.74 32.60
CA VAL B 392 -17.12 9.99 33.65
C VAL B 392 -17.57 9.34 34.96
N GLY B 393 -18.33 8.26 34.85
CA GLY B 393 -18.74 7.49 36.00
C GLY B 393 -20.24 7.61 36.26
N ARG B 394 -20.71 6.77 37.17
CA ARG B 394 -22.12 6.68 37.56
C ARG B 394 -22.19 6.65 39.07
N GLU B 395 -23.33 7.05 39.65
CA GLU B 395 -23.47 7.06 41.10
C GLU B 395 -24.92 6.85 41.50
N PRO B 396 -25.18 6.32 42.69
CA PRO B 396 -26.55 6.29 43.19
C PRO B 396 -26.89 7.63 43.83
N GLN B 397 -28.18 7.85 44.06
CA GLN B 397 -28.64 9.01 44.82
C GLN B 397 -29.67 8.52 45.84
N LEU B 398 -29.19 7.75 46.83
CA LEU B 398 -30.08 7.12 47.79
C LEU B 398 -30.69 8.11 48.78
N SER B 399 -30.20 9.34 48.83
CA SER B 399 -30.91 10.35 49.63
C SER B 399 -32.31 10.55 49.10
N LYS B 400 -32.50 10.42 47.78
CA LYS B 400 -33.85 10.44 47.21
C LYS B 400 -34.69 9.29 47.74
N VAL B 401 -34.09 8.12 47.92
CA VAL B 401 -34.82 6.88 48.10
C VAL B 401 -35.01 6.50 49.56
N LEU B 402 -34.20 7.03 50.46
CA LEU B 402 -34.02 6.44 51.79
C LEU B 402 -33.91 7.56 52.82
N CYS B 403 -34.89 7.67 53.71
CA CYS B 403 -34.78 8.63 54.81
C CYS B 403 -33.67 8.18 55.76
N GLU B 404 -32.81 9.13 56.15
CA GLU B 404 -31.65 8.81 56.99
C GLU B 404 -32.05 8.21 58.32
N THR B 405 -33.28 8.49 58.79
CA THR B 405 -33.69 8.02 60.11
C THR B 405 -34.02 6.53 60.14
N VAL B 406 -34.17 5.89 58.97
CA VAL B 406 -34.53 4.47 58.96
C VAL B 406 -33.38 3.62 59.49
N GLY B 407 -32.14 4.02 59.27
CA GLY B 407 -31.01 3.33 59.85
C GLY B 407 -30.23 2.41 58.91
N VAL B 408 -30.38 2.60 57.59
CA VAL B 408 -29.65 1.78 56.61
C VAL B 408 -28.29 2.43 56.37
N LYS B 409 -27.22 1.70 56.70
CA LYS B 409 -25.85 2.20 56.59
C LYS B 409 -25.38 2.23 55.13
N LEU B 410 -24.82 3.37 54.71
CA LEU B 410 -24.16 3.56 53.42
C LEU B 410 -22.66 3.73 53.62
N ASP B 411 -21.91 3.53 52.52
CA ASP B 411 -20.47 3.69 52.57
C ASP B 411 -20.09 5.09 52.08
N LYS B 412 -18.79 5.34 51.95
CA LYS B 412 -18.31 6.68 51.57
C LYS B 412 -18.66 7.06 50.14
N ASN B 413 -19.07 6.10 49.30
CA ASN B 413 -19.50 6.38 47.94
C ASN B 413 -21.02 6.51 47.81
N GLY B 414 -21.76 6.31 48.89
CA GLY B 414 -23.20 6.34 48.82
C GLY B 414 -23.86 5.03 48.45
N ARG B 415 -23.14 3.91 48.51
CA ARG B 415 -23.73 2.61 48.26
C ARG B 415 -24.03 1.89 49.58
N VAL B 416 -24.91 0.90 49.50
CA VAL B 416 -25.45 0.23 50.69
C VAL B 416 -24.48 -0.85 51.14
N VAL B 417 -24.13 -0.84 52.43
CA VAL B 417 -23.29 -1.88 53.02
C VAL B 417 -24.16 -3.07 53.38
N CYS B 418 -23.84 -4.25 52.84
CA CYS B 418 -24.65 -5.45 53.02
C CYS B 418 -23.82 -6.62 53.53
N THR B 419 -24.51 -7.57 54.17
CA THR B 419 -23.94 -8.90 54.40
C THR B 419 -23.86 -9.69 53.09
N ASP B 420 -23.27 -10.88 53.20
CA ASP B 420 -23.12 -11.80 52.07
C ASP B 420 -24.45 -12.42 51.63
N ASP B 421 -25.55 -12.12 52.31
CA ASP B 421 -26.87 -12.51 51.82
C ASP B 421 -27.75 -11.30 51.54
N GLU B 422 -27.14 -10.16 51.23
CA GLU B 422 -27.76 -8.92 50.78
C GLU B 422 -28.52 -8.16 51.88
N GLN B 423 -28.37 -8.53 53.14
CA GLN B 423 -29.12 -7.87 54.22
C GLN B 423 -28.45 -6.56 54.61
N THR B 424 -29.25 -5.50 54.78
CA THR B 424 -28.71 -4.21 55.22
C THR B 424 -28.57 -4.22 56.74
N THR B 425 -28.31 -3.06 57.33
CA THR B 425 -28.28 -2.94 58.79
C THR B 425 -29.69 -2.91 59.42
N VAL B 426 -30.74 -2.90 58.60
CA VAL B 426 -32.11 -3.06 59.08
C VAL B 426 -32.59 -4.43 58.64
N SER B 427 -33.11 -5.22 59.58
CA SER B 427 -33.18 -6.68 59.40
C SER B 427 -34.11 -7.09 58.26
N ASN B 428 -35.13 -6.30 57.96
CA ASN B 428 -36.11 -6.67 56.94
C ASN B 428 -35.85 -5.98 55.61
N VAL B 429 -34.74 -5.25 55.48
CA VAL B 429 -34.43 -4.44 54.30
C VAL B 429 -33.18 -5.01 53.65
N TYR B 430 -33.24 -5.20 52.34
CA TYR B 430 -32.18 -5.82 51.55
C TYR B 430 -31.86 -4.92 50.36
N ALA B 431 -30.66 -5.11 49.78
CA ALA B 431 -30.26 -4.34 48.60
C ALA B 431 -29.55 -5.26 47.61
N ILE B 432 -29.83 -5.05 46.31
CA ILE B 432 -29.26 -5.89 45.25
C ILE B 432 -28.86 -4.98 44.09
N GLY B 433 -28.00 -5.50 43.21
CA GLY B 433 -27.63 -4.75 42.02
C GLY B 433 -26.54 -3.70 42.26
N ASP B 434 -26.60 -2.62 41.46
CA ASP B 434 -25.47 -1.69 41.39
C ASP B 434 -25.27 -0.91 42.70
N ILE B 435 -26.30 -0.81 43.55
CA ILE B 435 -26.15 -0.07 44.82
C ILE B 435 -25.59 -0.92 45.96
N ASN B 436 -25.42 -2.24 45.76
CA ASN B 436 -24.82 -3.12 46.77
C ASN B 436 -23.31 -2.89 46.76
N ALA B 437 -22.78 -2.30 47.84
CA ALA B 437 -21.38 -1.85 47.87
C ALA B 437 -20.41 -3.00 47.64
N GLY B 438 -19.39 -2.74 46.80
CA GLY B 438 -18.31 -3.69 46.59
C GLY B 438 -18.57 -4.80 45.58
N LYS B 439 -19.80 -4.88 44.98
CA LYS B 439 -20.11 -5.99 44.09
C LYS B 439 -19.89 -5.59 42.63
N PRO B 440 -19.62 -6.56 41.75
CA PRO B 440 -19.52 -6.24 40.32
C PRO B 440 -20.82 -5.67 39.79
N GLN B 441 -20.75 -4.58 39.02
CA GLN B 441 -21.94 -3.87 38.59
C GLN B 441 -22.33 -4.34 37.19
N LEU B 442 -23.06 -5.44 37.14
CA LEU B 442 -23.38 -6.14 35.89
C LEU B 442 -24.80 -6.69 35.98
N THR B 443 -25.48 -6.69 34.83
CA THR B 443 -26.87 -7.16 34.81
C THR B 443 -27.05 -8.62 35.22
N PRO B 444 -26.27 -9.60 34.73
CA PRO B 444 -26.51 -10.99 35.20
C PRO B 444 -26.24 -11.17 36.69
N VAL B 445 -25.33 -10.36 37.27
CA VAL B 445 -25.12 -10.41 38.72
C VAL B 445 -26.37 -9.95 39.47
N ALA B 446 -26.96 -8.84 39.04
CA ALA B 446 -28.17 -8.33 39.68
C ALA B 446 -29.33 -9.33 39.58
N ILE B 447 -29.47 -9.99 38.42
CA ILE B 447 -30.56 -10.95 38.23
C ILE B 447 -30.38 -12.18 39.14
N GLN B 448 -29.17 -12.74 39.20
CA GLN B 448 -28.91 -13.88 40.07
C GLN B 448 -29.14 -13.50 41.54
N ALA B 449 -28.60 -12.36 41.98
CA ALA B 449 -28.81 -11.92 43.36
C ALA B 449 -30.30 -11.84 43.70
N GLY B 450 -31.08 -11.18 42.82
CA GLY B 450 -32.48 -10.99 43.10
C GLY B 450 -33.24 -12.31 43.17
N ARG B 451 -32.99 -13.20 42.21
CA ARG B 451 -33.67 -14.50 42.21
C ARG B 451 -33.26 -15.34 43.43
N TYR B 452 -31.96 -15.40 43.73
CA TYR B 452 -31.53 -16.23 44.85
C TYR B 452 -32.05 -15.67 46.17
N LEU B 453 -32.12 -14.33 46.30
CA LEU B 453 -32.61 -13.73 47.55
C LEU B 453 -34.09 -14.06 47.76
N ALA B 454 -34.89 -13.97 46.68
CA ALA B 454 -36.31 -14.28 46.80
C ALA B 454 -36.53 -15.72 47.24
N ARG B 455 -35.70 -16.65 46.75
CA ARG B 455 -35.84 -18.05 47.16
C ARG B 455 -35.53 -18.25 48.64
N ARG B 456 -34.53 -17.53 49.16
CA ARG B 456 -34.19 -17.64 50.57
C ARG B 456 -35.27 -17.03 51.46
N LEU B 457 -35.89 -15.93 51.00
CA LEU B 457 -36.91 -15.26 51.82
C LEU B 457 -38.20 -16.07 51.85
N PHE B 458 -38.57 -16.70 50.74
CA PHE B 458 -39.93 -17.21 50.61
C PHE B 458 -40.03 -18.70 50.29
N ALA B 459 -38.91 -19.40 50.07
CA ALA B 459 -38.96 -20.83 49.81
C ALA B 459 -38.00 -21.64 50.67
N GLY B 460 -37.42 -21.05 51.70
CA GLY B 460 -36.52 -21.80 52.56
C GLY B 460 -35.20 -22.18 51.94
N ALA B 461 -34.76 -21.44 50.92
CA ALA B 461 -33.48 -21.77 50.32
C ALA B 461 -32.33 -21.22 51.18
N THR B 462 -31.16 -21.83 51.01
CA THR B 462 -29.94 -21.39 51.70
C THR B 462 -28.83 -20.89 50.77
N GLU B 463 -28.91 -21.18 49.48
CA GLU B 463 -27.82 -20.87 48.55
C GLU B 463 -27.60 -19.37 48.38
N LEU B 464 -26.34 -18.96 48.43
CA LEU B 464 -25.94 -17.58 48.25
C LEU B 464 -25.44 -17.34 46.82
N THR B 465 -25.45 -16.06 46.41
CA THR B 465 -24.86 -15.66 45.14
C THR B 465 -23.33 -15.62 45.27
N ASP B 466 -22.63 -16.22 44.29
CA ASP B 466 -21.16 -16.24 44.29
C ASP B 466 -20.68 -15.09 43.43
N TYR B 467 -20.02 -14.10 44.05
CA TYR B 467 -19.59 -12.90 43.35
C TYR B 467 -18.15 -12.97 42.83
N SER B 468 -17.45 -14.09 42.99
CA SER B 468 -16.06 -14.18 42.55
C SER B 468 -15.92 -14.70 41.11
N ASN B 469 -14.85 -14.25 40.46
CA ASN B 469 -14.46 -14.64 39.11
C ASN B 469 -15.62 -14.50 38.10
N VAL B 470 -16.34 -13.38 38.17
CA VAL B 470 -17.43 -13.14 37.24
C VAL B 470 -16.86 -12.58 35.95
N ALA B 471 -17.14 -13.24 34.82
CA ALA B 471 -16.56 -12.86 33.54
C ALA B 471 -17.23 -11.59 32.99
N THR B 472 -16.48 -10.85 32.15
CA THR B 472 -16.93 -9.60 31.57
C THR B 472 -16.61 -9.59 30.07
N THR B 473 -17.28 -8.70 29.33
CA THR B 473 -16.83 -8.34 27.98
C THR B 473 -17.06 -6.87 27.68
N VAL B 474 -16.01 -6.20 27.16
CA VAL B 474 -16.08 -4.84 26.65
C VAL B 474 -16.32 -4.91 25.14
N PHE B 475 -17.44 -4.33 24.67
CA PHE B 475 -17.84 -4.44 23.26
C PHE B 475 -17.33 -3.26 22.42
N THR B 476 -16.01 -3.06 22.47
CA THR B 476 -15.31 -2.14 21.60
C THR B 476 -15.24 -2.70 20.18
N PRO B 477 -14.79 -1.91 19.19
CA PRO B 477 -14.75 -2.43 17.81
C PRO B 477 -14.08 -3.79 17.66
N LEU B 478 -12.94 -4.00 18.32
CA LEU B 478 -12.42 -5.33 18.60
C LEU B 478 -12.70 -5.63 20.08
N GLU B 479 -13.48 -6.68 20.33
CA GLU B 479 -14.03 -6.95 21.65
C GLU B 479 -12.99 -7.56 22.59
N TYR B 480 -13.17 -7.34 23.90
CA TYR B 480 -12.22 -7.78 24.93
C TYR B 480 -12.99 -8.53 26.03
N GLY B 481 -12.74 -9.84 26.15
CA GLY B 481 -13.33 -10.66 27.17
C GLY B 481 -12.31 -11.05 28.23
N ALA B 482 -12.77 -11.17 29.48
CA ALA B 482 -11.89 -11.51 30.60
C ALA B 482 -12.65 -12.31 31.66
N CYS B 483 -11.94 -13.21 32.36
CA CYS B 483 -12.45 -13.86 33.57
C CYS B 483 -11.31 -14.01 34.58
N GLY B 484 -11.45 -13.43 35.77
CA GLY B 484 -10.42 -13.54 36.81
C GLY B 484 -9.52 -12.33 36.95
N LEU B 485 -8.33 -12.57 37.51
CA LEU B 485 -7.37 -11.49 37.81
C LEU B 485 -6.67 -10.95 36.56
N SER B 486 -6.42 -9.63 36.56
CA SER B 486 -5.44 -9.03 35.67
C SER B 486 -4.05 -9.57 36.01
N GLU B 487 -3.12 -9.46 35.04
CA GLU B 487 -1.75 -9.91 35.27
C GLU B 487 -1.11 -9.11 36.40
N GLU B 488 -1.32 -7.79 36.43
CA GLU B 488 -0.69 -6.97 37.48
C GLU B 488 -1.26 -7.30 38.86
N ASP B 489 -2.56 -7.60 38.97
CA ASP B 489 -3.10 -7.97 40.29
C ASP B 489 -2.58 -9.34 40.75
N ALA B 490 -2.41 -10.30 39.83
CA ALA B 490 -1.86 -11.60 40.21
C ALA B 490 -0.42 -11.45 40.72
N ILE B 491 0.39 -10.69 40.01
CA ILE B 491 1.77 -10.47 40.43
C ILE B 491 1.80 -9.77 41.79
N GLU B 492 0.94 -8.77 42.00
CA GLU B 492 0.91 -8.09 43.29
C GLU B 492 0.53 -9.05 44.41
N LYS B 493 -0.46 -9.92 44.19
CA LYS B 493 -0.95 -10.80 45.24
C LYS B 493 0.06 -11.92 45.57
N TYR B 494 0.69 -12.50 44.56
CA TYR B 494 1.49 -13.71 44.77
C TYR B 494 2.98 -13.55 44.52
N GLY B 495 3.41 -12.45 43.93
CA GLY B 495 4.82 -12.27 43.59
C GLY B 495 5.20 -12.76 42.21
N ASP B 496 6.12 -12.07 41.56
CA ASP B 496 6.41 -12.30 40.15
C ASP B 496 7.00 -13.69 39.90
N LYS B 497 7.72 -14.27 40.87
CA LYS B 497 8.33 -15.59 40.67
C LYS B 497 7.31 -16.72 40.74
N ASP B 498 6.15 -16.49 41.35
CA ASP B 498 5.09 -17.49 41.43
C ASP B 498 4.07 -17.36 40.29
N ILE B 499 4.28 -16.48 39.31
CA ILE B 499 3.32 -16.26 38.23
C ILE B 499 3.97 -16.66 36.90
N GLU B 500 3.27 -17.47 36.11
CA GLU B 500 3.65 -17.81 34.73
C GLU B 500 2.54 -17.37 33.79
N VAL B 501 2.89 -16.73 32.68
CA VAL B 501 1.90 -16.26 31.70
C VAL B 501 2.16 -16.90 30.35
N TYR B 502 1.18 -17.64 29.84
CA TYR B 502 1.19 -18.21 28.48
C TYR B 502 0.39 -17.29 27.55
N HIS B 503 0.90 -17.05 26.34
CA HIS B 503 0.21 -16.10 25.45
C HIS B 503 0.50 -16.41 23.97
N SER B 504 -0.34 -15.83 23.10
CA SER B 504 -0.22 -15.99 21.66
C SER B 504 -1.07 -14.93 20.96
N ASN B 505 -0.55 -14.40 19.86
CA ASN B 505 -1.40 -13.74 18.87
C ASN B 505 -2.18 -14.80 18.09
N PHE B 506 -3.24 -14.36 17.39
CA PHE B 506 -3.93 -15.22 16.43
C PHE B 506 -4.58 -14.35 15.34
N LYS B 507 -5.02 -15.02 14.28
CA LYS B 507 -5.73 -14.38 13.17
C LYS B 507 -6.99 -15.16 12.90
N PRO B 508 -8.19 -14.55 12.99
CA PRO B 508 -9.41 -15.29 12.63
C PRO B 508 -9.34 -15.73 11.17
N LEU B 509 -9.80 -16.96 10.90
CA LEU B 509 -9.80 -17.44 9.52
C LEU B 509 -10.58 -16.49 8.60
N GLU B 510 -11.67 -15.91 9.13
CA GLU B 510 -12.50 -14.96 8.38
C GLU B 510 -11.71 -13.73 7.92
N TRP B 511 -10.60 -13.42 8.58
CA TRP B 511 -9.81 -12.24 8.24
C TRP B 511 -8.78 -12.49 7.15
N THR B 512 -8.59 -13.73 6.72
CA THR B 512 -7.54 -14.03 5.74
C THR B 512 -7.93 -13.49 4.36
N VAL B 513 -9.03 -14.01 3.80
CA VAL B 513 -9.51 -13.54 2.49
C VAL B 513 -9.84 -12.04 2.52
N ALA B 514 -10.19 -11.50 3.69
CA ALA B 514 -10.58 -10.09 3.81
C ALA B 514 -9.40 -9.13 3.96
N HIS B 515 -8.16 -9.64 4.03
CA HIS B 515 -6.94 -8.83 4.08
C HIS B 515 -6.90 -7.93 5.33
N ARG B 516 -7.38 -8.45 6.48
CA ARG B 516 -7.25 -7.74 7.75
C ARG B 516 -5.94 -8.14 8.45
N GLU B 517 -5.74 -7.61 9.67
CA GLU B 517 -4.42 -7.60 10.30
C GLU B 517 -3.99 -8.97 10.84
N ASP B 518 -2.68 -9.26 10.73
CA ASP B 518 -2.12 -10.56 11.09
C ASP B 518 -1.99 -10.78 12.60
N ASN B 519 -1.55 -9.77 13.34
CA ASN B 519 -1.19 -9.95 14.75
C ASN B 519 -1.77 -8.84 15.61
N VAL B 520 -3.08 -8.62 15.53
CA VAL B 520 -3.74 -7.73 16.48
C VAL B 520 -4.54 -8.51 17.52
N CYS B 521 -5.20 -9.60 17.12
CA CYS B 521 -5.90 -10.42 18.12
C CYS B 521 -4.88 -11.13 19.00
N TYR B 522 -5.25 -11.32 20.27
CA TYR B 522 -4.28 -11.69 21.30
C TYR B 522 -4.99 -12.35 22.46
N MET B 523 -4.35 -13.34 23.09
CA MET B 523 -4.94 -14.01 24.25
C MET B 523 -3.84 -14.45 25.22
N LYS B 524 -4.19 -14.55 26.51
CA LYS B 524 -3.24 -14.99 27.53
C LYS B 524 -3.95 -15.67 28.70
N LEU B 525 -3.21 -16.59 29.34
CA LEU B 525 -3.59 -17.23 30.60
C LEU B 525 -2.56 -16.87 31.67
N VAL B 526 -3.03 -16.28 32.76
CA VAL B 526 -2.19 -15.92 33.92
C VAL B 526 -2.33 -17.01 34.99
N CYS B 527 -1.21 -17.68 35.34
CA CYS B 527 -1.23 -18.90 36.15
C CYS B 527 -0.33 -18.81 37.38
N ARG B 528 -0.68 -19.56 38.42
CA ARG B 528 0.09 -19.58 39.68
C ARG B 528 0.91 -20.87 39.75
N LYS B 529 2.24 -20.74 39.67
CA LYS B 529 3.12 -21.90 39.60
C LYS B 529 2.93 -22.84 40.79
N SER B 530 2.94 -22.30 42.01
CA SER B 530 2.94 -23.14 43.21
C SER B 530 1.59 -23.79 43.50
N ASP B 531 0.53 -23.48 42.74
CA ASP B 531 -0.75 -24.14 42.91
C ASP B 531 -1.14 -24.94 41.67
N ASN B 532 -0.27 -25.86 41.24
CA ASN B 532 -0.57 -26.77 40.11
C ASN B 532 -0.81 -25.98 38.81
N MET B 533 -0.25 -24.79 38.75
CA MET B 533 -0.35 -23.86 37.61
C MET B 533 -1.83 -23.54 37.35
N ARG B 534 -2.55 -23.30 38.45
CA ARG B 534 -3.94 -22.83 38.44
C ARG B 534 -4.11 -21.61 37.55
N VAL B 535 -5.21 -21.57 36.79
CA VAL B 535 -5.51 -20.40 35.95
C VAL B 535 -6.14 -19.32 36.82
N LEU B 536 -5.41 -18.23 37.05
CA LEU B 536 -5.92 -17.12 37.85
C LEU B 536 -6.75 -16.15 37.03
N GLY B 537 -6.47 -16.04 35.73
CA GLY B 537 -7.14 -15.07 34.89
C GLY B 537 -7.00 -15.41 33.42
N LEU B 538 -8.08 -15.22 32.66
CA LEU B 538 -8.10 -15.46 31.21
C LEU B 538 -8.47 -14.17 30.50
N HIS B 539 -7.80 -13.88 29.37
CA HIS B 539 -7.96 -12.62 28.64
C HIS B 539 -7.92 -12.87 27.14
N VAL B 540 -8.85 -12.26 26.38
CA VAL B 540 -8.87 -12.45 24.92
C VAL B 540 -9.37 -11.19 24.21
N LEU B 541 -8.61 -10.75 23.21
CA LEU B 541 -8.99 -9.65 22.32
C LEU B 541 -9.24 -10.23 20.93
N GLY B 542 -10.47 -10.09 20.43
CA GLY B 542 -10.84 -10.67 19.16
C GLY B 542 -12.35 -10.62 18.90
N PRO B 543 -12.77 -11.07 17.74
CA PRO B 543 -14.22 -11.06 17.43
C PRO B 543 -14.97 -12.05 18.30
N ASN B 544 -16.23 -11.72 18.61
CA ASN B 544 -17.11 -12.61 19.39
C ASN B 544 -16.48 -12.96 20.76
N ALA B 545 -15.79 -11.99 21.39
CA ALA B 545 -15.06 -12.31 22.61
C ALA B 545 -15.97 -12.77 23.74
N GLY B 546 -17.22 -12.28 23.80
CA GLY B 546 -18.12 -12.73 24.84
C GLY B 546 -18.53 -14.19 24.67
N GLU B 547 -18.79 -14.62 23.44
CA GLU B 547 -19.07 -16.04 23.20
C GLU B 547 -17.85 -16.91 23.51
N ILE B 548 -16.64 -16.43 23.16
CA ILE B 548 -15.43 -17.19 23.47
C ILE B 548 -15.29 -17.39 24.98
N THR B 549 -15.43 -16.30 25.75
CA THR B 549 -15.04 -16.31 27.16
C THR B 549 -16.01 -17.11 28.03
N GLN B 550 -17.30 -17.10 27.69
CA GLN B 550 -18.33 -17.54 28.63
C GLN B 550 -18.10 -18.95 29.14
N GLY B 551 -17.87 -19.90 28.22
CA GLY B 551 -17.70 -21.29 28.63
C GLY B 551 -16.51 -21.53 29.54
N TYR B 552 -15.42 -20.80 29.33
CA TYR B 552 -14.27 -20.95 30.22
C TYR B 552 -14.55 -20.49 31.64
N ALA B 553 -15.55 -19.62 31.84
CA ALA B 553 -15.89 -19.18 33.20
C ALA B 553 -16.35 -20.34 34.06
N VAL B 554 -17.03 -21.35 33.48
CA VAL B 554 -17.41 -22.53 34.24
C VAL B 554 -16.16 -23.29 34.69
N ALA B 555 -15.21 -23.48 33.78
CA ALA B 555 -13.97 -24.17 34.12
C ALA B 555 -13.17 -23.44 35.19
N ILE B 556 -13.05 -22.11 35.08
CA ILE B 556 -12.35 -21.33 36.11
C ILE B 556 -13.08 -21.43 37.46
N LYS B 557 -14.40 -21.39 37.44
CA LYS B 557 -15.18 -21.59 38.67
C LYS B 557 -14.85 -22.92 39.33
N MET B 558 -14.66 -23.98 38.53
CA MET B 558 -14.26 -25.27 39.09
C MET B 558 -12.75 -25.42 39.35
N GLY B 559 -11.95 -24.37 39.19
CA GLY B 559 -10.54 -24.45 39.53
C GLY B 559 -9.64 -25.00 38.45
N ALA B 560 -9.92 -24.71 37.18
CA ALA B 560 -9.12 -25.22 36.08
C ALA B 560 -7.64 -24.88 36.24
N THR B 561 -6.78 -25.80 35.82
CA THR B 561 -5.33 -25.59 35.70
C THR B 561 -4.91 -25.52 34.23
N LYS B 562 -3.65 -25.15 34.00
CA LYS B 562 -3.12 -25.21 32.63
C LYS B 562 -3.22 -26.61 32.04
N ALA B 563 -3.02 -27.66 32.87
CA ALA B 563 -3.10 -29.02 32.35
C ALA B 563 -4.53 -29.36 31.92
N ASP B 564 -5.54 -28.73 32.53
CA ASP B 564 -6.90 -28.99 32.06
C ASP B 564 -7.12 -28.39 30.67
N PHE B 565 -6.56 -27.20 30.40
CA PHE B 565 -6.63 -26.64 29.06
C PHE B 565 -5.84 -27.51 28.07
N ASP B 566 -4.69 -28.05 28.49
CA ASP B 566 -3.85 -28.83 27.58
C ASP B 566 -4.53 -30.13 27.15
N ARG B 567 -5.13 -30.84 28.10
CA ARG B 567 -5.72 -32.14 27.79
C ARG B 567 -7.05 -32.03 27.02
N THR B 568 -7.70 -30.86 27.03
CA THR B 568 -8.92 -30.66 26.25
C THR B 568 -8.54 -30.34 24.80
N ILE B 569 -9.27 -30.96 23.84
CA ILE B 569 -8.97 -30.83 22.40
C ILE B 569 -9.74 -29.65 21.79
N GLY B 570 -9.10 -28.96 20.82
CA GLY B 570 -9.76 -27.83 20.18
C GLY B 570 -10.84 -28.22 19.19
N ILE B 571 -11.73 -27.25 18.89
CA ILE B 571 -12.67 -27.30 17.76
C ILE B 571 -12.11 -26.45 16.63
N HIS B 572 -12.00 -27.03 15.42
CA HIS B 572 -11.34 -26.36 14.28
C HIS B 572 -12.30 -26.20 13.09
N PRO B 573 -12.31 -25.01 12.44
CA PRO B 573 -11.54 -23.78 12.70
C PRO B 573 -12.30 -22.79 13.57
N THR B 574 -11.74 -22.39 14.72
CA THR B 574 -12.31 -21.35 15.58
C THR B 574 -11.21 -20.46 16.12
N CYS B 575 -11.61 -19.29 16.65
CA CYS B 575 -10.66 -18.47 17.40
C CYS B 575 -10.39 -19.11 18.76
N SER B 576 -11.45 -19.61 19.40
CA SER B 576 -11.35 -20.10 20.79
C SER B 576 -10.34 -21.22 20.93
N GLU B 577 -10.13 -22.03 19.88
CA GLU B 577 -9.28 -23.21 20.04
C GLU B 577 -7.84 -22.85 20.38
N THR B 578 -7.41 -21.62 20.10
CA THR B 578 -6.04 -21.22 20.42
C THR B 578 -5.74 -21.36 21.92
N PHE B 579 -6.75 -21.27 22.80
CA PHE B 579 -6.54 -21.51 24.23
C PHE B 579 -6.12 -22.95 24.56
N THR B 580 -6.41 -23.94 23.70
CA THR B 580 -6.13 -25.34 24.02
C THR B 580 -4.70 -25.77 23.72
N THR B 581 -3.90 -24.92 23.08
CA THR B 581 -2.53 -25.33 22.74
C THR B 581 -1.49 -24.25 23.06
N LEU B 582 -1.78 -23.34 23.98
CA LEU B 582 -0.81 -22.28 24.32
C LEU B 582 0.48 -22.89 24.88
N HIS B 583 1.62 -22.27 24.55
CA HIS B 583 2.90 -22.85 24.98
C HIS B 583 4.01 -21.81 25.18
N VAL B 584 3.92 -20.64 24.54
CA VAL B 584 4.95 -19.61 24.70
C VAL B 584 4.73 -18.88 26.03
N THR B 585 5.78 -18.84 26.88
CA THR B 585 5.70 -18.10 28.13
C THR B 585 6.29 -16.70 27.97
N LYS B 586 5.78 -15.75 28.78
CA LYS B 586 6.39 -14.42 28.78
C LYS B 586 7.81 -14.49 29.31
N LYS B 587 8.06 -15.36 30.29
CA LYS B 587 9.41 -15.44 30.87
C LYS B 587 10.43 -15.91 29.85
N SER B 588 10.02 -16.76 28.90
CA SER B 588 10.95 -17.25 27.87
C SER B 588 11.41 -16.16 26.92
N GLY B 589 10.65 -15.08 26.77
CA GLY B 589 11.00 -14.03 25.83
C GLY B 589 10.72 -14.34 24.36
N VAL B 590 10.22 -15.54 24.04
CA VAL B 590 9.89 -15.87 22.66
C VAL B 590 8.70 -15.05 22.18
N SER B 591 8.71 -14.67 20.90
CA SER B 591 7.67 -13.80 20.36
C SER B 591 6.34 -14.55 20.34
N PRO B 592 5.21 -13.87 20.61
CA PRO B 592 3.89 -14.51 20.49
C PRO B 592 3.25 -14.43 19.11
N ILE B 593 3.95 -13.89 18.09
CA ILE B 593 3.27 -13.64 16.83
C ILE B 593 3.03 -14.93 16.07
N VAL B 594 2.12 -14.87 15.10
CA VAL B 594 1.84 -16.01 14.25
C VAL B 594 2.34 -15.74 12.84
#